data_6H5N
#
_entry.id   6H5N
#
_cell.length_a   59.690
_cell.length_b   165.390
_cell.length_c   189.660
_cell.angle_alpha   90.00
_cell.angle_beta   90.00
_cell.angle_gamma   90.00
#
_symmetry.space_group_name_H-M   'P 2 21 21'
#
loop_
_entity.id
_entity.type
_entity.pdbx_description
1 polymer 'Gametocyte surface protein P45/48'
2 polymer 'Antibody 85RF45.1 light chain'
3 polymer 'Antibody 85RF45.1 heavy chain'
#
loop_
_entity_poly.entity_id
_entity_poly.type
_entity_poly.pdbx_seq_one_letter_code
_entity_poly.pdbx_strand_id
1 'polypeptide(L)'
;KVIHGCNFSSNVSSKHTFTDSLDISLVDDSAHISCNVHLSEPKYNHLVGLNCPGDIIPDCFFQVYQPESEELEPSNIVYL
DSQINIGDIEYYEDAEGDDKIKLFGIVGSIPKTTSFTCICKKDKKSAYMTVTIDSA
;
A,D
2 'polypeptide(L)'
;QFVLSQPNSVSTNLGSTVKLSCKRSTGNIGSNYVSWYQHHEGRSPTTMIYRDDQRPDGVPDRFSGSIDRSSNSALLTIDN
VQTEDEAAYFCHSYSTGMYIFGGGTKLTVLGQPKSTPTLTMFPPSPEELQENKATLVCLISNFSPSGVTVAWKANGTPIT
QGVDTSNPTKEDNKYMASSFLHLTSDQWRSHNSFTCQVTHEGNTVEKSLSPA
;
B,E
3 'polypeptide(L)'
;EVQLVESGGGLLQPGRSLKLSCVASGFTFNNYWMSWIRQAPGKGLEWIASISNIGGTIYYPDSVKGRFTISRDSAQNTLY
LQMNSLRSEDTATYYCTRDLRMSDYFDYWGQGVMVTVSSAETTAPSVYPLAPGTALKSNSMVTLGCLVKGYFPEPVTVTW
NSGALSSGVHTFPAVLQSGLYTLTSSVTVPSSTWPSQTVTCNVAHPASSTKVDKKIVPRN
;
C,F
#
# COMPACT_ATOMS: atom_id res chain seq x y z
N VAL A 2 33.55 -1.15 15.69
CA VAL A 2 32.12 -0.93 15.47
C VAL A 2 31.87 0.55 15.18
N ILE A 3 30.85 0.82 14.35
CA ILE A 3 30.52 2.17 13.91
C ILE A 3 29.26 2.62 14.64
N HIS A 4 29.34 3.78 15.28
CA HIS A 4 28.21 4.33 16.02
C HIS A 4 27.28 5.09 15.09
N GLY A 5 26.88 4.46 13.98
CA GLY A 5 26.07 5.14 12.99
C GLY A 5 24.78 4.42 12.65
N CYS A 6 24.25 4.68 11.45
CA CYS A 6 23.00 4.11 10.99
C CYS A 6 23.22 3.39 9.67
N ASN A 7 22.62 2.21 9.54
CA ASN A 7 22.76 1.38 8.35
C ASN A 7 21.39 1.20 7.70
N PHE A 8 21.27 1.68 6.46
CA PHE A 8 20.04 1.56 5.70
C PHE A 8 20.11 0.53 4.58
N SER A 9 21.23 -0.17 4.44
CA SER A 9 21.37 -1.16 3.38
C SER A 9 20.78 -2.51 3.80
N SER A 10 20.44 -3.31 2.80
CA SER A 10 19.84 -4.61 3.01
C SER A 10 20.79 -5.76 2.72
N ASN A 11 22.04 -5.47 2.36
CA ASN A 11 22.99 -6.54 2.05
C ASN A 11 23.41 -7.24 3.35
N VAL A 12 23.17 -8.55 3.41
CA VAL A 12 23.42 -9.29 4.64
C VAL A 12 24.92 -9.46 4.88
N SER A 13 25.73 -9.44 3.84
CA SER A 13 27.18 -9.62 3.96
C SER A 13 27.85 -8.25 3.82
N SER A 14 28.55 -7.84 4.87
CA SER A 14 29.26 -6.56 4.87
C SER A 14 30.37 -6.60 5.90
N LYS A 15 31.50 -5.99 5.57
CA LYS A 15 32.63 -5.93 6.50
C LYS A 15 32.46 -4.84 7.55
N HIS A 16 31.42 -4.02 7.46
CA HIS A 16 31.16 -2.97 8.43
C HIS A 16 30.00 -3.38 9.33
N THR A 17 30.08 -2.98 10.60
CA THR A 17 29.06 -3.28 11.59
C THR A 17 28.61 -1.99 12.26
N PHE A 18 27.35 -1.62 12.06
CA PHE A 18 26.77 -0.42 12.64
C PHE A 18 25.97 -0.76 13.89
N THR A 19 25.79 0.26 14.73
CA THR A 19 25.02 0.09 15.97
C THR A 19 23.52 0.09 15.74
N ASP A 20 23.05 0.66 14.63
CA ASP A 20 21.63 0.72 14.33
C ASP A 20 21.42 0.47 12.84
N SER A 21 20.52 -0.46 12.52
CA SER A 21 20.25 -0.83 11.14
C SER A 21 18.75 -0.84 10.90
N LEU A 22 18.30 -0.10 9.89
CA LEU A 22 16.90 -0.04 9.51
C LEU A 22 16.79 -0.18 8.00
N ASP A 23 16.17 -1.26 7.54
CA ASP A 23 16.03 -1.51 6.11
C ASP A 23 15.04 -0.52 5.51
N ILE A 24 15.52 0.33 4.60
CA ILE A 24 14.67 1.35 3.99
C ILE A 24 13.82 0.79 2.85
N SER A 25 14.17 -0.38 2.32
CA SER A 25 13.43 -0.94 1.20
C SER A 25 12.06 -1.48 1.61
N LEU A 26 11.84 -1.67 2.90
CA LEU A 26 10.60 -2.28 3.40
C LEU A 26 9.60 -1.25 3.90
N VAL A 27 9.95 0.04 3.92
CA VAL A 27 9.07 1.06 4.47
C VAL A 27 8.19 1.64 3.37
N ASP A 28 7.14 2.36 3.77
CA ASP A 28 6.19 2.91 2.83
C ASP A 28 6.81 4.08 2.06
N ASP A 29 6.28 4.33 0.87
CA ASP A 29 6.74 5.45 0.06
C ASP A 29 6.39 6.77 0.72
N SER A 30 7.24 7.77 0.50
CA SER A 30 7.11 9.12 1.06
C SER A 30 7.17 9.13 2.57
N ALA A 31 7.48 8.01 3.22
CA ALA A 31 7.66 7.95 4.65
C ALA A 31 9.10 8.26 5.02
N HIS A 32 9.30 8.77 6.22
CA HIS A 32 10.61 9.22 6.68
C HIS A 32 10.99 8.48 7.96
N ILE A 33 12.20 7.93 7.99
CA ILE A 33 12.72 7.22 9.15
C ILE A 33 13.74 8.11 9.84
N SER A 34 13.71 8.12 11.17
CA SER A 34 14.66 8.88 11.97
C SER A 34 15.61 7.94 12.69
N CYS A 35 16.89 8.30 12.73
CA CYS A 35 17.93 7.50 13.39
C CYS A 35 18.81 8.47 14.17
N ASN A 36 18.45 8.71 15.42
CA ASN A 36 19.16 9.67 16.26
C ASN A 36 20.41 9.03 16.85
N VAL A 37 21.49 9.80 16.90
CA VAL A 37 22.75 9.39 17.51
C VAL A 37 23.13 10.44 18.54
N HIS A 38 23.51 9.99 19.74
CA HIS A 38 23.81 10.88 20.85
C HIS A 38 25.12 10.45 21.49
N LEU A 39 26.10 11.35 21.50
CA LEU A 39 27.39 11.12 22.15
C LEU A 39 27.53 12.10 23.31
N SER A 40 27.84 11.57 24.50
CA SER A 40 27.92 12.38 25.71
C SER A 40 28.97 11.75 26.64
N GLU A 41 30.22 11.81 26.22
CA GLU A 41 31.37 11.37 27.01
C GLU A 41 32.36 12.51 27.10
N PRO A 42 33.21 12.52 28.13
CA PRO A 42 34.17 13.64 28.26
C PRO A 42 35.16 13.72 27.10
N LYS A 43 35.83 12.61 26.77
CA LYS A 43 36.74 12.55 25.65
C LYS A 43 36.28 11.48 24.67
N TYR A 44 36.29 11.82 23.39
CA TYR A 44 35.76 10.96 22.34
C TYR A 44 36.88 10.35 21.52
N ASN A 45 36.74 9.07 21.19
CA ASN A 45 37.60 8.39 20.24
C ASN A 45 36.75 7.43 19.42
N HIS A 46 35.64 7.93 18.90
CA HIS A 46 34.63 7.12 18.24
C HIS A 46 34.64 7.35 16.74
N LEU A 47 34.00 6.44 16.01
CA LEU A 47 33.86 6.50 14.57
C LEU A 47 32.37 6.47 14.25
N VAL A 48 31.84 7.58 13.74
CA VAL A 48 30.41 7.72 13.46
C VAL A 48 30.22 7.76 11.96
N GLY A 49 29.27 6.98 11.46
CA GLY A 49 29.10 6.90 10.02
C GLY A 49 27.69 6.65 9.52
N LEU A 50 27.59 6.20 8.27
CA LEU A 50 26.31 5.99 7.61
C LEU A 50 26.51 5.05 6.42
N ASN A 51 25.59 4.09 6.30
CA ASN A 51 25.55 3.18 5.16
C ASN A 51 24.22 3.37 4.46
N CYS A 52 24.25 3.95 3.26
CA CYS A 52 23.05 4.25 2.50
C CYS A 52 22.99 3.44 1.22
N PRO A 53 21.89 2.72 0.96
CA PRO A 53 21.81 1.93 -0.27
C PRO A 53 21.57 2.77 -1.51
N GLY A 54 21.34 4.07 -1.37
CA GLY A 54 21.10 4.93 -2.52
C GLY A 54 22.00 6.16 -2.53
N ASP A 55 21.39 7.34 -2.53
CA ASP A 55 22.11 8.60 -2.59
C ASP A 55 22.08 9.28 -1.22
N ILE A 56 23.05 10.17 -1.02
CA ILE A 56 23.26 10.84 0.26
C ILE A 56 23.19 12.35 0.04
N ILE A 57 22.42 13.04 0.88
CA ILE A 57 22.25 14.48 0.78
C ILE A 57 22.56 15.11 2.13
N PRO A 58 23.51 16.05 2.21
CA PRO A 58 24.40 16.42 1.10
C PRO A 58 25.55 15.43 0.99
N ASP A 59 26.68 15.86 0.44
CA ASP A 59 27.90 15.07 0.55
C ASP A 59 28.13 15.20 2.04
N CYS A 60 27.89 14.10 2.77
CA CYS A 60 27.62 14.16 4.19
C CYS A 60 28.97 13.99 4.88
N PHE A 61 29.02 14.47 6.12
CA PHE A 61 30.11 14.30 7.07
C PHE A 61 31.32 15.18 6.71
N PHE A 62 31.33 15.75 5.51
CA PHE A 62 32.19 16.91 5.29
C PHE A 62 31.34 18.17 5.23
N GLN A 63 30.20 18.11 4.52
CA GLN A 63 29.15 19.10 4.64
C GLN A 63 27.89 18.40 5.11
N VAL A 64 27.19 19.03 6.05
CA VAL A 64 26.05 18.42 6.72
C VAL A 64 24.85 19.36 6.62
N TYR A 65 23.69 18.82 6.98
CA TYR A 65 22.41 19.52 6.92
C TYR A 65 22.02 19.98 8.32
N GLN A 66 21.75 21.27 8.47
CA GLN A 66 21.42 21.82 9.77
C GLN A 66 20.12 21.22 10.29
N PRO A 67 20.01 20.95 11.60
CA PRO A 67 18.79 20.42 12.20
C PRO A 67 17.65 21.44 12.22
N PRO A 74 15.36 22.28 2.57
CA PRO A 74 14.90 23.58 3.08
C PRO A 74 15.98 24.31 3.88
N SER A 75 16.54 23.65 4.88
CA SER A 75 17.57 24.26 5.69
C SER A 75 18.88 24.35 4.91
N ASN A 76 19.77 25.23 5.38
CA ASN A 76 21.03 25.47 4.70
C ASN A 76 22.03 24.35 4.99
N ILE A 77 22.98 24.20 4.07
CA ILE A 77 24.04 23.20 4.20
C ILE A 77 25.26 23.88 4.82
N VAL A 78 25.74 23.34 5.95
CA VAL A 78 26.92 23.88 6.59
C VAL A 78 28.06 22.88 6.46
N TYR A 79 29.24 23.24 6.94
CA TYR A 79 30.40 22.35 6.90
C TYR A 79 30.74 21.89 8.31
N LEU A 80 31.11 20.61 8.42
CA LEU A 80 31.29 20.01 9.74
C LEU A 80 32.49 20.60 10.47
N ASP A 81 33.57 20.90 9.73
CA ASP A 81 34.79 21.37 10.38
C ASP A 81 34.58 22.67 11.14
N SER A 82 33.65 23.51 10.68
CA SER A 82 33.35 24.75 11.39
C SER A 82 32.23 24.58 12.40
N GLN A 83 31.34 23.62 12.19
CA GLN A 83 30.24 23.39 13.14
C GLN A 83 30.76 22.74 14.41
N ILE A 84 31.56 21.68 14.29
CA ILE A 84 32.14 21.01 15.44
C ILE A 84 33.33 21.77 16.00
N ASN A 85 33.99 22.58 15.18
CA ASN A 85 35.12 23.43 15.58
C ASN A 85 36.27 22.60 16.16
N ILE A 86 36.88 21.82 15.27
CA ILE A 86 38.12 21.09 15.55
C ILE A 86 38.71 20.63 14.22
N GLY A 87 39.99 20.91 14.01
CA GLY A 87 40.60 20.68 12.71
C GLY A 87 41.31 19.35 12.57
N ASP A 88 40.95 18.36 13.39
CA ASP A 88 41.55 17.03 13.32
C ASP A 88 40.46 15.97 13.19
N ILE A 89 39.43 16.25 12.40
CA ILE A 89 38.38 15.29 12.12
C ILE A 89 38.76 14.52 10.87
N GLU A 90 38.80 13.19 10.98
CA GLU A 90 39.22 12.36 9.86
C GLU A 90 38.01 11.76 9.15
N TYR A 91 38.14 11.57 7.84
CA TYR A 91 37.03 11.12 7.01
C TYR A 91 37.41 9.86 6.25
N TYR A 92 36.43 8.98 6.05
CA TYR A 92 36.62 7.73 5.35
C TYR A 92 35.39 7.44 4.49
N GLU A 93 35.59 6.65 3.44
CA GLU A 93 34.48 6.25 2.59
C GLU A 93 34.73 4.86 2.05
N ASP A 94 33.66 4.25 1.53
CA ASP A 94 33.72 2.92 0.96
C ASP A 94 32.46 2.70 0.12
N ALA A 95 32.55 1.76 -0.82
CA ALA A 95 31.44 1.44 -1.71
C ALA A 95 31.32 -0.07 -1.85
N GLU A 96 30.16 -0.61 -1.48
CA GLU A 96 29.86 -2.02 -1.62
C GLU A 96 28.73 -2.15 -2.64
N GLY A 97 29.10 -2.18 -3.91
CA GLY A 97 28.11 -2.18 -4.98
C GLY A 97 27.38 -0.86 -5.07
N ASP A 98 26.07 -0.88 -4.85
CA ASP A 98 25.29 0.34 -4.79
C ASP A 98 25.30 0.99 -3.41
N ASP A 99 25.70 0.24 -2.38
CA ASP A 99 25.74 0.79 -1.03
C ASP A 99 26.93 1.73 -0.88
N LYS A 100 26.71 2.83 -0.18
CA LYS A 100 27.72 3.85 0.04
C LYS A 100 27.92 4.03 1.54
N ILE A 101 29.15 3.87 2.01
CA ILE A 101 29.49 4.01 3.41
C ILE A 101 30.35 5.26 3.55
N LYS A 102 29.90 6.19 4.41
CA LYS A 102 30.64 7.40 4.69
C LYS A 102 30.82 7.50 6.20
N LEU A 103 32.06 7.68 6.64
CA LEU A 103 32.37 7.67 8.07
C LEU A 103 33.26 8.85 8.42
N PHE A 104 33.22 9.26 9.69
CA PHE A 104 34.16 10.23 10.21
C PHE A 104 34.57 9.82 11.62
N GLY A 105 35.88 9.93 11.87
CA GLY A 105 36.45 9.67 13.18
C GLY A 105 36.80 10.98 13.86
N ILE A 106 36.43 11.08 15.14
CA ILE A 106 36.59 12.30 15.93
C ILE A 106 37.45 11.97 17.14
N VAL A 107 38.43 12.82 17.42
CA VAL A 107 39.37 12.61 18.51
C VAL A 107 39.47 13.92 19.30
N GLY A 108 39.24 13.84 20.60
CA GLY A 108 39.34 14.99 21.48
C GLY A 108 37.99 15.45 21.99
N SER A 109 38.00 16.65 22.55
CA SER A 109 36.80 17.26 23.12
C SER A 109 36.19 18.25 22.13
N ILE A 110 35.03 18.80 22.50
CA ILE A 110 34.30 19.72 21.64
C ILE A 110 33.92 20.95 22.48
N PRO A 111 34.08 22.16 21.96
CA PRO A 111 33.82 23.35 22.80
C PRO A 111 32.36 23.53 23.17
N LYS A 112 31.42 23.18 22.29
CA LYS A 112 30.01 23.41 22.57
C LYS A 112 29.17 22.30 21.96
N THR A 113 28.07 21.99 22.65
CA THR A 113 27.13 20.98 22.17
C THR A 113 26.59 21.36 20.80
N THR A 114 26.66 20.42 19.86
CA THR A 114 26.23 20.68 18.50
C THR A 114 25.42 19.50 17.97
N SER A 115 24.71 19.74 16.88
CA SER A 115 23.86 18.74 16.26
C SER A 115 23.80 18.99 14.76
N PHE A 116 23.69 17.89 14.01
CA PHE A 116 23.55 17.98 12.55
C PHE A 116 22.77 16.78 12.05
N THR A 117 22.47 16.81 10.75
CA THR A 117 21.58 15.83 10.13
C THR A 117 22.11 15.46 8.75
N CYS A 118 21.81 14.23 8.33
CA CYS A 118 22.21 13.73 7.02
C CYS A 118 21.12 12.85 6.46
N ILE A 119 20.76 13.05 5.19
CA ILE A 119 19.62 12.39 4.57
C ILE A 119 20.13 11.30 3.63
N CYS A 120 19.41 10.18 3.58
CA CYS A 120 19.70 9.07 2.68
C CYS A 120 18.41 8.75 1.92
N LYS A 121 18.49 8.82 0.59
CA LYS A 121 17.30 8.67 -0.26
C LYS A 121 17.52 7.51 -1.23
N LYS A 122 16.54 6.62 -1.30
CA LYS A 122 16.51 5.57 -2.31
C LYS A 122 15.14 5.58 -2.96
N ASP A 123 15.11 5.83 -4.27
CA ASP A 123 13.86 5.95 -5.03
C ASP A 123 13.05 7.08 -4.40
N LYS A 124 11.79 6.89 -4.07
CA LYS A 124 11.00 7.91 -3.40
C LYS A 124 11.14 7.86 -1.88
N LYS A 125 11.68 6.78 -1.33
CA LYS A 125 11.88 6.68 0.11
C LYS A 125 13.03 7.57 0.54
N SER A 126 12.88 8.21 1.70
CA SER A 126 13.91 9.09 2.22
C SER A 126 13.92 9.00 3.74
N ALA A 127 15.11 8.94 4.32
CA ALA A 127 15.26 8.81 5.77
C ALA A 127 16.51 9.54 6.21
N TYR A 128 16.40 10.33 7.28
CA TYR A 128 17.53 11.14 7.73
C TYR A 128 17.93 10.76 9.15
N MET A 129 19.23 10.77 9.40
CA MET A 129 19.81 10.49 10.70
C MET A 129 20.39 11.76 11.30
N THR A 130 20.21 11.94 12.61
CA THR A 130 20.69 13.10 13.33
C THR A 130 21.78 12.67 14.31
N VAL A 131 22.80 13.52 14.44
CA VAL A 131 23.92 13.29 15.33
C VAL A 131 24.04 14.48 16.28
N THR A 132 24.17 14.20 17.57
CA THR A 132 24.25 15.24 18.60
C THR A 132 25.43 14.92 19.50
N ILE A 133 26.37 15.86 19.61
CA ILE A 133 27.56 15.72 20.44
C ILE A 133 27.51 16.81 21.49
N ASP A 134 27.37 16.41 22.76
CA ASP A 134 27.33 17.35 23.87
C ASP A 134 28.73 17.56 24.43
N SER A 135 29.09 18.83 24.66
CA SER A 135 30.39 19.18 25.22
C SER A 135 30.52 18.67 26.65
N GLN B 1 18.30 -2.14 -14.18
CA GLN B 1 18.13 -1.07 -15.17
C GLN B 1 16.86 -1.27 -15.99
N PHE B 2 16.32 -0.18 -16.52
CA PHE B 2 15.09 -0.23 -17.29
C PHE B 2 15.21 0.70 -18.49
N VAL B 3 14.24 0.60 -19.40
CA VAL B 3 14.20 1.40 -20.62
C VAL B 3 12.84 2.09 -20.70
N LEU B 4 12.84 3.38 -21.01
CA LEU B 4 11.62 4.16 -21.17
C LEU B 4 11.30 4.27 -22.66
N SER B 5 10.16 3.73 -23.06
CA SER B 5 9.74 3.75 -24.46
C SER B 5 8.77 4.89 -24.70
N GLN B 6 8.94 5.57 -25.82
CA GLN B 6 8.08 6.68 -26.22
C GLN B 6 7.81 6.59 -27.71
N PRO B 7 6.62 7.02 -28.14
CA PRO B 7 6.34 7.08 -29.59
C PRO B 7 7.17 8.15 -30.27
N ASN B 8 7.51 7.90 -31.53
CA ASN B 8 8.37 8.82 -32.26
C ASN B 8 7.71 10.16 -32.47
N SER B 9 6.51 10.17 -33.06
CA SER B 9 5.83 11.41 -33.37
C SER B 9 4.32 11.23 -33.23
N VAL B 10 3.67 12.28 -32.76
CA VAL B 10 2.21 12.33 -32.64
C VAL B 10 1.73 13.66 -33.20
N SER B 11 0.61 13.63 -33.91
CA SER B 11 0.05 14.81 -34.56
C SER B 11 -1.29 15.15 -33.94
N THR B 12 -1.46 16.40 -33.53
CA THR B 12 -2.69 16.86 -32.91
C THR B 12 -3.03 18.24 -33.44
N ASN B 13 -4.33 18.51 -33.59
CA ASN B 13 -4.80 19.80 -34.06
C ASN B 13 -4.79 20.83 -32.94
N LEU B 14 -4.89 22.10 -33.33
CA LEU B 14 -4.90 23.19 -32.37
C LEU B 14 -6.20 23.19 -31.56
N GLY B 15 -6.07 23.50 -30.27
CA GLY B 15 -7.23 23.60 -29.41
C GLY B 15 -7.79 22.28 -28.93
N SER B 16 -7.02 21.20 -29.01
CA SER B 16 -7.45 19.88 -28.59
C SER B 16 -6.57 19.40 -27.44
N THR B 17 -6.91 18.24 -26.89
CA THR B 17 -6.18 17.64 -25.79
C THR B 17 -5.31 16.49 -26.30
N VAL B 18 -4.04 16.50 -25.93
CA VAL B 18 -3.11 15.45 -26.33
C VAL B 18 -2.52 14.81 -25.07
N LYS B 19 -2.27 13.50 -25.16
CA LYS B 19 -1.69 12.74 -24.05
C LYS B 19 -0.51 11.95 -24.59
N LEU B 20 0.67 12.17 -23.99
CA LEU B 20 1.91 11.53 -24.41
C LEU B 20 2.31 10.49 -23.35
N SER B 21 2.42 9.24 -23.77
CA SER B 21 2.70 8.13 -22.87
C SER B 21 4.20 7.93 -22.67
N CYS B 22 4.53 7.17 -21.62
CA CYS B 22 5.92 6.85 -21.30
C CYS B 22 5.93 5.53 -20.49
N LYS B 23 6.07 4.42 -21.20
CA LYS B 23 6.03 3.10 -20.58
C LYS B 23 7.43 2.67 -20.14
N ARG B 24 7.49 1.99 -18.98
CA ARG B 24 8.73 1.53 -18.40
C ARG B 24 8.93 0.04 -18.68
N SER B 25 10.18 -0.35 -18.94
CA SER B 25 10.51 -1.73 -19.26
C SER B 25 10.34 -2.65 -18.06
N THR B 26 11.24 -2.54 -17.08
CA THR B 26 11.21 -3.36 -15.89
C THR B 26 11.07 -2.47 -14.66
N GLY B 27 10.35 -2.94 -13.66
CA GLY B 27 10.09 -2.17 -12.47
C GLY B 27 8.83 -1.33 -12.58
N ASN B 28 8.27 -1.00 -11.42
CA ASN B 28 7.06 -0.19 -11.38
C ASN B 28 7.41 1.27 -11.57
N ILE B 29 6.67 1.95 -12.45
CA ILE B 29 6.95 3.35 -12.74
C ILE B 29 6.60 4.25 -11.57
N GLY B 30 5.73 3.79 -10.66
CA GLY B 30 5.40 4.57 -9.48
C GLY B 30 6.48 4.60 -8.42
N SER B 31 7.47 3.71 -8.51
CA SER B 31 8.51 3.65 -7.50
C SER B 31 9.54 4.76 -7.65
N ASN B 32 9.76 5.23 -8.88
CA ASN B 32 10.76 6.26 -9.15
C ASN B 32 10.09 7.50 -9.71
N TYR B 33 10.69 8.65 -9.43
CA TYR B 33 10.15 9.93 -9.90
C TYR B 33 10.28 10.03 -11.41
N VAL B 34 9.25 10.58 -12.04
CA VAL B 34 9.21 10.78 -13.49
C VAL B 34 9.24 12.28 -13.76
N SER B 35 10.06 12.68 -14.74
CA SER B 35 10.19 14.07 -15.14
C SER B 35 9.91 14.21 -16.63
N TRP B 36 9.39 15.37 -17.00
CA TRP B 36 9.06 15.67 -18.39
C TRP B 36 9.73 16.96 -18.80
N TYR B 37 10.45 16.93 -19.92
CA TYR B 37 11.20 18.07 -20.43
C TYR B 37 10.80 18.39 -21.86
N GLN B 38 10.78 19.67 -22.19
CA GLN B 38 10.50 20.15 -23.54
C GLN B 38 11.80 20.67 -24.15
N HIS B 39 12.14 20.17 -25.34
CA HIS B 39 13.34 20.54 -26.05
C HIS B 39 12.95 21.05 -27.44
N HIS B 40 13.22 22.32 -27.70
CA HIS B 40 12.93 22.92 -28.99
C HIS B 40 14.14 22.77 -29.92
N GLU B 41 13.87 22.81 -31.22
CA GLU B 41 14.93 22.66 -32.21
C GLU B 41 15.85 23.86 -32.15
N GLY B 42 17.12 23.62 -31.82
CA GLY B 42 18.09 24.69 -31.76
C GLY B 42 18.02 25.51 -30.49
N ARG B 43 17.70 24.89 -29.36
CA ARG B 43 17.61 25.60 -28.10
C ARG B 43 17.79 24.60 -26.97
N SER B 44 18.07 25.12 -25.78
CA SER B 44 18.27 24.27 -24.62
C SER B 44 16.94 23.77 -24.08
N PRO B 45 16.92 22.58 -23.46
CA PRO B 45 15.66 22.07 -22.92
C PRO B 45 15.24 22.83 -21.68
N THR B 46 13.93 22.79 -21.42
CA THR B 46 13.33 23.43 -20.26
C THR B 46 12.48 22.43 -19.50
N THR B 47 12.52 22.50 -18.18
CA THR B 47 11.77 21.57 -17.36
C THR B 47 10.28 21.87 -17.42
N MET B 48 9.48 20.85 -17.71
CA MET B 48 8.03 20.96 -17.81
C MET B 48 7.32 20.36 -16.59
N ILE B 49 7.69 19.16 -16.19
CA ILE B 49 7.15 18.52 -14.99
C ILE B 49 8.32 17.94 -14.20
N TYR B 50 8.45 18.35 -12.94
CA TYR B 50 9.62 17.92 -12.17
C TYR B 50 9.35 16.67 -11.34
N ARG B 51 8.28 16.68 -10.54
CA ARG B 51 7.87 15.46 -9.85
C ARG B 51 6.92 14.68 -10.75
N ASP B 52 6.22 13.69 -10.19
CA ASP B 52 5.29 12.90 -11.00
C ASP B 52 4.22 13.77 -11.64
N ASP B 53 3.69 14.74 -10.89
CA ASP B 53 2.65 15.63 -11.40
C ASP B 53 2.93 17.11 -11.21
N GLN B 54 3.82 17.49 -10.29
CA GLN B 54 4.08 18.89 -10.01
C GLN B 54 4.80 19.57 -11.18
N ARG B 55 4.38 20.79 -11.50
CA ARG B 55 5.01 21.60 -12.53
C ARG B 55 5.60 22.87 -11.91
N PRO B 56 6.73 23.35 -12.42
CA PRO B 56 7.39 24.50 -11.79
C PRO B 56 6.77 25.82 -12.24
N ASP B 57 7.11 26.87 -11.50
CA ASP B 57 6.60 28.19 -11.80
C ASP B 57 7.16 28.68 -13.14
N GLY B 58 6.26 29.04 -14.05
CA GLY B 58 6.63 29.44 -15.39
C GLY B 58 6.03 28.57 -16.46
N VAL B 59 5.56 27.38 -16.11
CA VAL B 59 4.90 26.48 -17.06
C VAL B 59 3.41 26.74 -17.01
N PRO B 60 2.75 26.90 -18.16
CA PRO B 60 1.30 27.16 -18.15
C PRO B 60 0.53 25.99 -17.52
N ASP B 61 -0.58 26.34 -16.87
CA ASP B 61 -1.40 25.34 -16.20
C ASP B 61 -2.02 24.34 -17.15
N ARG B 62 -1.98 24.58 -18.46
CA ARG B 62 -2.53 23.61 -19.41
C ARG B 62 -1.73 22.32 -19.44
N PHE B 63 -0.45 22.37 -19.08
CA PHE B 63 0.37 21.17 -19.00
C PHE B 63 0.14 20.46 -17.67
N SER B 64 -0.01 19.15 -17.73
CA SER B 64 -0.27 18.34 -16.53
C SER B 64 0.45 17.02 -16.64
N GLY B 65 0.97 16.54 -15.51
CA GLY B 65 1.61 15.23 -15.43
C GLY B 65 0.75 14.26 -14.64
N SER B 66 0.71 13.02 -15.09
CA SER B 66 -0.05 11.99 -14.41
C SER B 66 0.65 10.66 -14.58
N ILE B 67 0.29 9.70 -13.73
CA ILE B 67 0.87 8.36 -13.74
C ILE B 67 -0.28 7.37 -13.89
N ASP B 68 -0.23 6.56 -14.94
CA ASP B 68 -1.23 5.53 -15.17
C ASP B 68 -0.61 4.19 -14.78
N ARG B 69 -0.94 3.71 -13.58
CA ARG B 69 -0.43 2.45 -13.06
C ARG B 69 -1.05 1.24 -13.74
N SER B 70 -2.23 1.39 -14.35
CA SER B 70 -2.86 0.26 -15.03
C SER B 70 -1.98 -0.27 -16.16
N SER B 71 -1.36 0.63 -16.91
CA SER B 71 -0.45 0.24 -17.99
C SER B 71 1.02 0.52 -17.65
N ASN B 72 1.31 0.93 -16.41
CA ASN B 72 2.67 1.19 -15.96
C ASN B 72 3.35 2.23 -16.85
N SER B 73 2.70 3.38 -16.97
CA SER B 73 3.19 4.44 -17.86
C SER B 73 2.99 5.80 -17.20
N ALA B 74 3.58 6.81 -17.82
CA ALA B 74 3.44 8.20 -17.40
C ALA B 74 2.83 9.01 -18.54
N LEU B 75 1.80 9.78 -18.24
CA LEU B 75 1.07 10.55 -19.24
C LEU B 75 1.33 12.04 -19.05
N LEU B 76 1.65 12.71 -20.14
CA LEU B 76 1.76 14.16 -20.19
C LEU B 76 0.53 14.68 -20.95
N THR B 77 -0.34 15.38 -20.26
CA THR B 77 -1.58 15.88 -20.83
C THR B 77 -1.45 17.37 -21.13
N ILE B 78 -1.82 17.76 -22.35
CA ILE B 78 -1.81 19.15 -22.78
C ILE B 78 -3.18 19.48 -23.33
N ASP B 79 -3.90 20.37 -22.65
CA ASP B 79 -5.20 20.86 -23.10
C ASP B 79 -5.02 22.19 -23.82
N ASN B 80 -5.82 22.39 -24.88
CA ASN B 80 -5.78 23.61 -25.68
C ASN B 80 -4.36 23.87 -26.20
N VAL B 81 -3.91 22.96 -27.06
CA VAL B 81 -2.55 22.99 -27.58
C VAL B 81 -2.37 24.20 -28.48
N GLN B 82 -1.24 24.89 -28.31
CA GLN B 82 -0.89 26.06 -29.09
C GLN B 82 0.21 25.73 -30.09
N THR B 83 0.46 26.68 -30.99
CA THR B 83 1.50 26.47 -32.00
C THR B 83 2.89 26.41 -31.39
N GLU B 84 3.09 27.08 -30.24
CA GLU B 84 4.41 27.09 -29.59
C GLU B 84 4.81 25.74 -29.03
N ASP B 85 3.90 24.77 -28.99
CA ASP B 85 4.18 23.47 -28.41
C ASP B 85 4.86 22.50 -29.36
N GLU B 86 5.07 22.89 -30.62
CA GLU B 86 5.73 22.02 -31.59
C GLU B 86 7.20 21.88 -31.21
N ALA B 87 7.53 20.81 -30.49
CA ALA B 87 8.88 20.55 -30.04
C ALA B 87 8.97 19.08 -29.61
N ALA B 88 10.17 18.66 -29.22
CA ALA B 88 10.37 17.31 -28.71
C ALA B 88 10.09 17.28 -27.21
N TYR B 89 9.55 16.16 -26.75
CA TYR B 89 9.25 15.96 -25.34
C TYR B 89 9.93 14.69 -24.85
N PHE B 90 10.66 14.80 -23.75
CA PHE B 90 11.47 13.71 -23.23
C PHE B 90 11.02 13.32 -21.82
N CYS B 91 10.98 12.01 -21.59
CA CYS B 91 10.56 11.40 -20.33
C CYS B 91 11.80 10.86 -19.63
N HIS B 92 11.97 11.22 -18.35
CA HIS B 92 13.17 10.88 -17.60
C HIS B 92 12.81 10.23 -16.27
N SER B 93 13.67 9.31 -15.83
CA SER B 93 13.52 8.69 -14.52
C SER B 93 14.89 8.22 -14.03
N TYR B 94 15.15 8.43 -12.75
CA TYR B 94 16.42 8.05 -12.14
C TYR B 94 16.22 6.81 -11.28
N SER B 95 17.25 5.95 -11.23
CA SER B 95 17.10 4.70 -10.46
C SER B 95 18.45 4.28 -9.89
N THR B 96 18.93 5.06 -8.93
CA THR B 96 20.12 4.72 -8.14
C THR B 96 21.32 4.39 -9.00
N GLY B 97 21.98 5.41 -9.54
CA GLY B 97 23.19 5.24 -10.32
C GLY B 97 23.01 5.45 -11.81
N MET B 98 21.79 5.42 -12.32
CA MET B 98 21.57 5.66 -13.73
C MET B 98 20.34 6.53 -13.96
N TYR B 99 20.49 7.49 -14.86
CA TYR B 99 19.45 8.44 -15.25
C TYR B 99 18.95 8.01 -16.63
N ILE B 100 17.83 7.29 -16.66
CA ILE B 100 17.30 6.75 -17.91
C ILE B 100 16.38 7.78 -18.55
N PHE B 101 16.60 8.04 -19.82
CA PHE B 101 15.76 8.94 -20.61
C PHE B 101 14.88 8.14 -21.56
N GLY B 102 13.91 8.83 -22.14
CA GLY B 102 13.01 8.22 -23.10
C GLY B 102 13.50 8.42 -24.52
N GLY B 103 12.77 7.78 -25.45
CA GLY B 103 13.14 7.89 -26.85
C GLY B 103 12.93 9.29 -27.39
N GLY B 104 11.89 9.98 -26.91
CA GLY B 104 11.57 11.31 -27.38
C GLY B 104 10.36 11.30 -28.30
N THR B 105 9.49 12.31 -28.17
CA THR B 105 8.27 12.40 -28.97
C THR B 105 8.24 13.76 -29.65
N LYS B 106 8.31 13.75 -30.97
CA LYS B 106 8.21 14.97 -31.76
C LYS B 106 6.74 15.35 -31.92
N LEU B 107 6.29 16.32 -31.12
CA LEU B 107 4.92 16.79 -31.21
C LEU B 107 4.78 17.77 -32.36
N THR B 108 3.81 17.50 -33.24
CA THR B 108 3.54 18.33 -34.41
C THR B 108 2.12 18.87 -34.31
N VAL B 109 2.00 20.19 -34.27
CA VAL B 109 0.70 20.84 -34.20
C VAL B 109 0.16 21.01 -35.62
N LEU B 110 -1.07 20.56 -35.84
CA LEU B 110 -1.69 20.59 -37.17
C LEU B 110 -2.40 21.93 -37.33
N GLY B 111 -1.72 22.89 -37.95
CA GLY B 111 -2.32 24.18 -38.25
C GLY B 111 -2.68 24.32 -39.71
N GLN B 112 -1.75 23.95 -40.58
CA GLN B 112 -1.95 23.95 -42.02
C GLN B 112 -2.58 22.63 -42.46
N PRO B 113 -3.36 22.63 -43.54
CA PRO B 113 -4.02 21.40 -43.97
C PRO B 113 -3.02 20.40 -44.53
N LYS B 114 -3.51 19.18 -44.74
CA LYS B 114 -2.65 18.10 -45.23
C LYS B 114 -2.17 18.39 -46.63
N SER B 115 -0.89 18.09 -46.88
CA SER B 115 -0.30 18.28 -48.20
C SER B 115 0.57 17.07 -48.54
N THR B 116 0.60 16.74 -49.83
CA THR B 116 1.37 15.63 -50.35
C THR B 116 2.60 16.11 -51.12
N PRO B 117 3.72 15.39 -51.03
CA PRO B 117 4.98 15.89 -51.58
C PRO B 117 5.03 15.81 -53.10
N THR B 118 5.90 16.64 -53.66
CA THR B 118 6.14 16.72 -55.10
C THR B 118 7.62 16.44 -55.35
N LEU B 119 7.90 15.37 -56.09
CA LEU B 119 9.26 14.88 -56.29
C LEU B 119 9.87 15.43 -57.58
N THR B 120 11.16 15.76 -57.51
CA THR B 120 11.95 16.23 -58.65
C THR B 120 13.20 15.37 -58.73
N MET B 121 13.30 14.58 -59.80
CA MET B 121 14.43 13.67 -59.99
C MET B 121 15.52 14.30 -60.84
N PHE B 122 16.77 13.95 -60.53
CA PHE B 122 17.92 14.42 -61.29
C PHE B 122 18.93 13.30 -61.51
N PRO B 123 19.25 13.00 -62.77
CA PRO B 123 20.20 11.93 -63.07
C PRO B 123 21.63 12.43 -62.90
N PRO B 124 22.62 11.53 -62.98
CA PRO B 124 24.01 11.97 -62.81
C PRO B 124 24.45 12.91 -63.92
N SER B 125 25.28 13.88 -63.55
CA SER B 125 25.76 14.87 -64.49
C SER B 125 26.69 14.24 -65.53
N PRO B 126 26.76 14.81 -66.74
CA PRO B 126 27.72 14.30 -67.73
C PRO B 126 29.17 14.47 -67.30
N GLU B 127 29.48 15.56 -66.58
CA GLU B 127 30.85 15.74 -66.07
C GLU B 127 31.17 14.71 -65.00
N GLU B 128 30.17 14.30 -64.21
CA GLU B 128 30.41 13.25 -63.22
C GLU B 128 30.56 11.90 -63.88
N LEU B 129 29.83 11.65 -64.98
CA LEU B 129 29.98 10.39 -65.70
C LEU B 129 31.31 10.33 -66.44
N GLN B 130 31.83 11.48 -66.89
CA GLN B 130 33.19 11.52 -67.40
C GLN B 130 34.20 11.26 -66.30
N GLU B 131 33.83 11.56 -65.05
CA GLU B 131 34.64 11.29 -63.87
C GLU B 131 34.48 9.88 -63.35
N ASN B 132 33.57 9.10 -63.93
CA ASN B 132 33.27 7.73 -63.51
C ASN B 132 32.74 7.69 -62.09
N LYS B 133 31.60 8.36 -61.91
CA LYS B 133 30.93 8.45 -60.61
C LYS B 133 29.46 8.76 -60.86
N ALA B 134 28.58 8.17 -60.06
CA ALA B 134 27.15 8.35 -60.24
C ALA B 134 26.50 8.83 -58.95
N THR B 135 25.75 9.92 -59.03
CA THR B 135 25.03 10.47 -57.89
C THR B 135 23.64 10.89 -58.36
N LEU B 136 22.62 10.18 -57.89
CA LEU B 136 21.23 10.48 -58.24
C LEU B 136 20.62 11.39 -57.17
N VAL B 137 19.89 12.42 -57.62
CA VAL B 137 19.32 13.43 -56.73
C VAL B 137 17.81 13.30 -56.73
N CYS B 138 17.21 13.36 -55.54
CA CYS B 138 15.76 13.31 -55.36
C CYS B 138 15.34 14.46 -54.44
N LEU B 139 14.69 15.47 -55.01
CA LEU B 139 14.25 16.63 -54.26
C LEU B 139 12.78 16.48 -53.89
N ILE B 140 12.46 16.66 -52.61
CA ILE B 140 11.10 16.55 -52.10
C ILE B 140 10.69 17.90 -51.52
N SER B 141 9.54 18.40 -51.94
CA SER B 141 9.06 19.70 -51.47
C SER B 141 7.54 19.68 -51.38
N ASN B 142 7.00 20.71 -50.72
CA ASN B 142 5.56 20.93 -50.61
C ASN B 142 4.89 19.75 -49.90
N PHE B 143 5.25 19.55 -48.64
CA PHE B 143 4.68 18.47 -47.84
C PHE B 143 4.64 18.88 -46.38
N SER B 144 3.52 18.57 -45.72
CA SER B 144 3.31 18.83 -44.30
C SER B 144 2.43 17.70 -43.76
N PRO B 145 2.75 17.13 -42.60
CA PRO B 145 3.88 17.49 -41.73
C PRO B 145 5.21 16.89 -42.18
N SER B 146 6.24 17.00 -41.32
CA SER B 146 7.58 16.56 -41.65
C SER B 146 7.74 15.04 -41.59
N GLY B 147 6.73 14.31 -41.15
CA GLY B 147 6.81 12.85 -41.10
C GLY B 147 6.92 12.23 -42.47
N VAL B 148 8.15 11.92 -42.89
CA VAL B 148 8.43 11.43 -44.25
C VAL B 148 9.56 10.42 -44.17
N THR B 149 9.37 9.27 -44.81
CA THR B 149 10.41 8.25 -44.90
C THR B 149 10.68 7.95 -46.37
N VAL B 150 11.93 8.07 -46.78
CA VAL B 150 12.30 7.91 -48.18
C VAL B 150 13.00 6.57 -48.37
N ALA B 151 13.05 6.13 -49.63
CA ALA B 151 13.72 4.88 -49.98
C ALA B 151 14.07 4.94 -51.47
N TRP B 152 14.98 4.05 -51.86
CA TRP B 152 15.41 3.96 -53.25
C TRP B 152 15.26 2.52 -53.74
N LYS B 153 14.81 2.35 -54.97
CA LYS B 153 14.66 1.04 -55.56
C LYS B 153 15.41 0.98 -56.89
N ALA B 154 16.21 -0.07 -57.06
CA ALA B 154 16.92 -0.34 -58.31
C ALA B 154 16.22 -1.51 -58.99
N ASN B 155 15.52 -1.24 -60.09
CA ASN B 155 14.78 -2.25 -60.84
C ASN B 155 13.78 -2.97 -59.95
N GLY B 156 13.18 -2.25 -59.01
CA GLY B 156 12.22 -2.81 -58.09
C GLY B 156 12.79 -3.33 -56.79
N THR B 157 14.12 -3.49 -56.70
CA THR B 157 14.58 -4.03 -55.43
C THR B 157 15.08 -2.90 -54.54
N PRO B 158 14.72 -2.90 -53.25
CA PRO B 158 15.15 -1.82 -52.36
C PRO B 158 16.67 -1.82 -52.19
N ILE B 159 17.29 -0.72 -52.64
CA ILE B 159 18.74 -0.55 -52.53
C ILE B 159 19.02 0.31 -51.30
N THR B 160 19.83 -0.22 -50.38
CA THR B 160 20.16 0.46 -49.13
C THR B 160 21.56 1.05 -49.10
N GLN B 161 22.53 0.41 -49.74
CA GLN B 161 23.90 0.91 -49.73
C GLN B 161 24.01 2.19 -50.54
N GLY B 162 24.58 3.23 -49.92
CA GLY B 162 24.80 4.48 -50.61
C GLY B 162 23.60 5.39 -50.68
N VAL B 163 22.84 5.50 -49.59
CA VAL B 163 21.68 6.37 -49.51
C VAL B 163 21.94 7.40 -48.43
N ASP B 164 21.88 8.69 -48.80
CA ASP B 164 22.09 9.77 -47.85
C ASP B 164 20.93 10.75 -47.94
N THR B 165 20.17 10.88 -46.87
CA THR B 165 18.99 11.73 -46.85
C THR B 165 19.09 12.73 -45.71
N SER B 166 18.85 14.00 -46.02
CA SER B 166 18.82 15.05 -45.02
C SER B 166 17.47 15.02 -44.29
N ASN B 167 17.20 16.02 -43.46
CA ASN B 167 15.96 16.09 -42.73
C ASN B 167 15.09 17.24 -43.25
N PRO B 168 13.78 17.16 -43.09
CA PRO B 168 12.90 18.24 -43.57
C PRO B 168 13.11 19.51 -42.77
N THR B 169 13.33 20.62 -43.48
CA THR B 169 13.49 21.93 -42.89
C THR B 169 12.43 22.87 -43.41
N LYS B 170 12.22 23.98 -42.70
CA LYS B 170 11.15 24.93 -43.03
C LYS B 170 11.60 25.83 -44.18
N GLU B 171 11.02 25.62 -45.36
CA GLU B 171 11.18 26.51 -46.49
C GLU B 171 9.81 26.73 -47.11
N ASP B 172 9.62 27.87 -47.77
CA ASP B 172 8.32 28.23 -48.36
C ASP B 172 7.29 28.19 -47.24
N ASN B 173 6.23 27.38 -47.30
CA ASN B 173 5.30 27.22 -46.20
C ASN B 173 5.31 25.83 -45.57
N LYS B 174 5.78 24.81 -46.29
CA LYS B 174 5.79 23.44 -45.83
C LYS B 174 7.23 22.93 -45.76
N TYR B 175 7.41 21.69 -45.34
CA TYR B 175 8.77 21.18 -45.16
C TYR B 175 9.41 20.86 -46.51
N MET B 176 10.72 20.65 -46.48
CA MET B 176 11.53 20.47 -47.69
C MET B 176 12.70 19.56 -47.37
N ALA B 177 12.98 18.60 -48.26
CA ALA B 177 14.02 17.62 -48.00
C ALA B 177 14.69 17.22 -49.30
N SER B 178 15.89 16.64 -49.18
CA SER B 178 16.66 16.15 -50.31
C SER B 178 17.19 14.75 -50.00
N SER B 179 17.46 13.99 -51.06
CA SER B 179 18.02 12.65 -50.94
C SER B 179 19.01 12.43 -52.07
N PHE B 180 20.04 11.61 -51.77
CA PHE B 180 21.09 11.32 -52.73
C PHE B 180 21.41 9.84 -52.71
N LEU B 181 21.67 9.29 -53.89
CA LEU B 181 22.00 7.89 -54.07
C LEU B 181 23.36 7.77 -54.76
N HIS B 182 24.28 7.03 -54.14
CA HIS B 182 25.59 6.76 -54.71
C HIS B 182 25.53 5.52 -55.60
N LEU B 183 26.23 5.59 -56.73
CA LEU B 183 26.27 4.46 -57.65
C LEU B 183 27.56 4.52 -58.46
N THR B 184 28.04 3.34 -58.85
CA THR B 184 29.21 3.22 -59.71
C THR B 184 28.83 3.57 -61.15
N SER B 185 29.80 4.11 -61.89
CA SER B 185 29.56 4.51 -63.27
C SER B 185 28.98 3.37 -64.10
N ASP B 186 29.58 2.19 -64.01
CA ASP B 186 29.12 1.05 -64.81
C ASP B 186 27.89 0.40 -64.20
N GLN B 187 27.75 0.45 -62.87
CA GLN B 187 26.57 -0.14 -62.23
C GLN B 187 25.31 0.67 -62.48
N TRP B 188 25.45 1.95 -62.83
CA TRP B 188 24.27 2.78 -63.10
C TRP B 188 23.64 2.42 -64.43
N ARG B 189 24.45 2.32 -65.49
CA ARG B 189 23.96 1.99 -66.82
C ARG B 189 23.64 0.51 -66.98
N SER B 190 23.99 -0.33 -66.00
CA SER B 190 23.72 -1.76 -66.11
C SER B 190 22.22 -2.04 -66.06
N HIS B 191 21.51 -1.44 -65.11
CA HIS B 191 20.09 -1.65 -64.93
C HIS B 191 19.33 -0.36 -65.23
N ASN B 192 18.23 -0.48 -65.98
CA ASN B 192 17.53 0.66 -66.55
C ASN B 192 16.36 1.14 -65.70
N SER B 193 16.44 1.02 -64.36
CA SER B 193 15.36 1.48 -63.51
C SER B 193 15.92 1.93 -62.17
N PHE B 194 15.60 3.17 -61.78
CA PHE B 194 15.98 3.71 -60.48
C PHE B 194 14.85 4.63 -60.02
N THR B 195 14.12 4.21 -58.99
CA THR B 195 12.97 4.94 -58.50
C THR B 195 13.22 5.46 -57.09
N CYS B 196 12.75 6.68 -56.82
CA CYS B 196 12.84 7.32 -55.52
C CYS B 196 11.44 7.31 -54.89
N GLN B 197 11.26 6.47 -53.89
CA GLN B 197 9.98 6.34 -53.20
C GLN B 197 9.96 7.23 -51.97
N VAL B 198 8.84 7.92 -51.76
CA VAL B 198 8.65 8.80 -50.61
C VAL B 198 7.33 8.42 -49.96
N THR B 199 7.38 7.96 -48.71
CA THR B 199 6.21 7.60 -47.93
C THR B 199 5.92 8.74 -46.96
N HIS B 200 4.78 9.40 -47.16
CA HIS B 200 4.36 10.51 -46.31
C HIS B 200 2.86 10.40 -46.06
N GLU B 201 2.49 10.23 -44.79
CA GLU B 201 1.09 10.21 -44.36
C GLU B 201 0.30 9.14 -45.12
N GLY B 202 0.94 8.00 -45.36
CA GLY B 202 0.33 6.89 -46.04
C GLY B 202 0.48 6.90 -47.55
N ASN B 203 0.67 8.07 -48.15
CA ASN B 203 0.86 8.17 -49.60
C ASN B 203 2.30 7.83 -49.94
N THR B 204 2.48 6.79 -50.75
CA THR B 204 3.82 6.33 -51.18
C THR B 204 4.11 6.85 -52.59
N VAL B 205 4.53 8.10 -52.66
CA VAL B 205 4.78 8.75 -53.95
C VAL B 205 6.07 8.20 -54.56
N GLU B 206 6.06 7.95 -55.87
CA GLU B 206 7.17 7.35 -56.57
C GLU B 206 7.52 8.15 -57.81
N LYS B 207 8.82 8.18 -58.13
CA LYS B 207 9.31 8.78 -59.37
C LYS B 207 10.53 8.00 -59.83
N SER B 208 10.60 7.75 -61.14
CA SER B 208 11.61 6.87 -61.71
C SER B 208 12.61 7.65 -62.56
N LEU B 209 13.72 6.99 -62.88
CA LEU B 209 14.74 7.51 -63.76
C LEU B 209 15.40 6.36 -64.51
N SER B 210 15.67 6.57 -65.79
CA SER B 210 16.27 5.54 -66.62
C SER B 210 17.45 6.09 -67.39
N PRO B 211 18.53 5.31 -67.53
CA PRO B 211 19.70 5.79 -68.29
C PRO B 211 19.47 5.87 -69.80
N ALA B 212 18.28 5.53 -70.28
CA ALA B 212 17.99 5.58 -71.71
C ALA B 212 17.58 6.99 -72.13
N GLU C 1 20.17 35.97 -11.85
CA GLU C 1 19.45 34.73 -12.09
C GLU C 1 20.41 33.57 -12.26
N VAL C 2 19.87 32.35 -12.37
CA VAL C 2 20.68 31.15 -12.53
C VAL C 2 21.14 31.04 -13.98
N GLN C 3 22.45 30.91 -14.18
CA GLN C 3 23.02 30.78 -15.51
C GLN C 3 24.10 29.72 -15.51
N LEU C 4 24.13 28.92 -16.57
CA LEU C 4 25.11 27.85 -16.75
C LEU C 4 25.79 28.06 -18.10
N VAL C 5 26.88 28.81 -18.11
CA VAL C 5 27.56 29.18 -19.35
C VAL C 5 28.63 28.13 -19.64
N GLU C 6 28.46 27.41 -20.73
CA GLU C 6 29.35 26.31 -21.08
C GLU C 6 30.12 26.62 -22.36
N SER C 7 31.35 26.13 -22.42
CA SER C 7 32.23 26.35 -23.56
C SER C 7 33.35 25.32 -23.53
N GLY C 8 34.22 25.37 -24.52
CA GLY C 8 35.36 24.49 -24.60
C GLY C 8 35.28 23.35 -25.61
N GLY C 9 34.41 23.44 -26.62
CA GLY C 9 34.28 22.42 -27.63
C GLY C 9 34.54 22.95 -29.02
N GLY C 10 34.38 22.04 -29.99
CA GLY C 10 34.58 22.41 -31.39
C GLY C 10 34.90 21.18 -32.23
N LEU C 11 35.62 21.42 -33.32
CA LEU C 11 36.01 20.37 -34.26
C LEU C 11 37.43 19.91 -33.98
N LEU C 12 37.63 18.60 -33.99
CA LEU C 12 38.96 18.03 -33.79
C LEU C 12 38.96 16.59 -34.28
N GLN C 13 40.15 16.13 -34.65
CA GLN C 13 40.32 14.79 -35.20
C GLN C 13 40.13 13.73 -34.12
N PRO C 14 39.71 12.52 -34.50
CA PRO C 14 39.51 11.47 -33.50
C PRO C 14 40.81 11.06 -32.83
N GLY C 15 40.70 10.71 -31.55
CA GLY C 15 41.82 10.35 -30.73
C GLY C 15 42.26 11.44 -29.77
N ARG C 16 42.06 12.70 -30.14
CA ARG C 16 42.46 13.82 -29.29
C ARG C 16 41.46 14.01 -28.15
N SER C 17 41.96 14.55 -27.04
CA SER C 17 41.15 14.80 -25.87
C SER C 17 40.63 16.24 -25.86
N LEU C 18 39.61 16.47 -25.03
CA LEU C 18 38.96 17.77 -24.98
C LEU C 18 38.29 17.93 -23.62
N LYS C 19 38.45 19.10 -23.01
CA LYS C 19 37.90 19.38 -21.69
C LYS C 19 36.86 20.49 -21.81
N LEU C 20 35.60 20.16 -21.57
CA LEU C 20 34.51 21.13 -21.57
C LEU C 20 34.38 21.78 -20.20
N SER C 21 34.09 23.08 -20.19
CA SER C 21 33.93 23.85 -18.98
C SER C 21 32.52 24.43 -18.91
N CYS C 22 32.00 24.55 -17.69
CA CYS C 22 30.65 25.10 -17.46
C CYS C 22 30.72 25.94 -16.20
N VAL C 23 30.75 27.26 -16.36
CA VAL C 23 30.72 28.16 -15.21
C VAL C 23 29.28 28.37 -14.77
N ALA C 24 29.04 28.21 -13.47
CA ALA C 24 27.71 28.32 -12.90
C ALA C 24 27.59 29.62 -12.12
N SER C 25 26.41 30.24 -12.20
CA SER C 25 26.17 31.50 -11.52
C SER C 25 24.72 31.56 -11.07
N GLY C 26 24.47 32.36 -10.04
CA GLY C 26 23.13 32.57 -9.53
C GLY C 26 22.70 31.64 -8.42
N PHE C 27 23.58 30.77 -7.95
CA PHE C 27 23.22 29.84 -6.87
C PHE C 27 24.49 29.39 -6.18
N THR C 28 24.34 28.93 -4.94
CA THR C 28 25.47 28.39 -4.20
C THR C 28 26.03 27.18 -4.93
N PHE C 29 27.29 27.28 -5.35
CA PHE C 29 27.87 26.28 -6.25
C PHE C 29 28.03 24.93 -5.56
N ASN C 30 28.52 24.93 -4.32
CA ASN C 30 28.81 23.69 -3.60
C ASN C 30 27.60 23.16 -2.83
N ASN C 31 26.38 23.46 -3.29
CA ASN C 31 25.18 23.00 -2.62
C ASN C 31 24.21 22.25 -3.53
N TYR C 32 24.58 21.99 -4.78
CA TYR C 32 23.67 21.33 -5.72
C TYR C 32 24.44 20.35 -6.59
N TRP C 33 23.83 19.20 -6.84
CA TRP C 33 24.39 18.24 -7.79
C TRP C 33 24.41 18.84 -9.19
N MET C 34 25.29 18.30 -10.03
CA MET C 34 25.39 18.76 -11.40
C MET C 34 25.64 17.58 -12.32
N SER C 35 25.31 17.75 -13.59
CA SER C 35 25.39 16.64 -14.54
C SER C 35 25.68 17.17 -15.93
N TRP C 36 26.05 16.25 -16.83
CA TRP C 36 26.25 16.53 -18.24
C TRP C 36 25.29 15.68 -19.06
N ILE C 37 24.63 16.30 -20.04
CA ILE C 37 23.68 15.62 -20.90
C ILE C 37 24.13 15.76 -22.34
N ARG C 38 24.10 14.66 -23.08
CA ARG C 38 24.54 14.62 -24.46
C ARG C 38 23.34 14.37 -25.37
N GLN C 39 23.31 15.07 -26.50
CA GLN C 39 22.29 14.84 -27.52
C GLN C 39 22.98 14.72 -28.87
N ALA C 40 22.94 13.54 -29.46
CA ALA C 40 23.49 13.26 -30.77
C ALA C 40 22.46 13.55 -31.85
N PRO C 41 22.90 13.86 -33.08
CA PRO C 41 21.94 14.09 -34.17
C PRO C 41 21.06 12.89 -34.44
N GLY C 42 19.81 12.96 -34.02
CA GLY C 42 18.85 11.89 -34.27
C GLY C 42 18.84 10.76 -33.27
N LYS C 43 19.57 10.88 -32.16
CA LYS C 43 19.59 9.84 -31.14
C LYS C 43 18.90 10.24 -29.85
N GLY C 44 18.56 11.51 -29.67
CA GLY C 44 17.87 11.94 -28.47
C GLY C 44 18.82 12.26 -27.33
N LEU C 45 18.21 12.48 -26.16
CA LEU C 45 18.97 12.86 -24.98
C LEU C 45 19.61 11.64 -24.33
N GLU C 46 20.85 11.80 -23.87
CA GLU C 46 21.62 10.71 -23.28
C GLU C 46 22.46 11.27 -22.14
N TRP C 47 22.27 10.75 -20.94
CA TRP C 47 23.09 11.15 -19.80
C TRP C 47 24.45 10.47 -19.85
N ILE C 48 25.50 11.22 -19.52
CA ILE C 48 26.87 10.77 -19.68
C ILE C 48 27.66 10.82 -18.38
N ALA C 49 27.41 11.83 -17.54
CA ALA C 49 28.20 11.98 -16.32
C ALA C 49 27.44 12.82 -15.32
N SER C 50 27.75 12.61 -14.04
CA SER C 50 27.11 13.36 -12.97
C SER C 50 28.04 13.42 -11.76
N ILE C 51 28.10 14.59 -11.13
CA ILE C 51 28.91 14.79 -9.93
C ILE C 51 28.04 15.43 -8.86
N SER C 52 28.39 15.16 -7.61
CA SER C 52 27.60 15.58 -6.47
C SER C 52 27.96 17.01 -6.08
N ASN C 53 27.68 17.40 -4.83
CA ASN C 53 27.87 18.79 -4.40
C ASN C 53 29.35 19.15 -4.38
N ILE C 54 30.19 18.29 -3.84
CA ILE C 54 31.63 18.55 -3.76
C ILE C 54 32.39 17.30 -4.19
N GLY C 55 31.78 16.51 -5.06
CA GLY C 55 32.44 15.33 -5.59
C GLY C 55 32.38 14.12 -4.70
N GLY C 56 31.51 14.12 -3.69
CA GLY C 56 31.37 12.96 -2.82
C GLY C 56 30.80 11.74 -3.52
N THR C 57 30.05 11.94 -4.61
CA THR C 57 29.47 10.84 -5.37
C THR C 57 29.62 11.15 -6.86
N ILE C 58 30.16 10.20 -7.61
CA ILE C 58 30.39 10.35 -9.04
C ILE C 58 29.63 9.25 -9.77
N TYR C 59 29.02 9.60 -10.90
CA TYR C 59 28.16 8.68 -11.64
C TYR C 59 28.48 8.75 -13.13
N TYR C 60 28.66 7.57 -13.73
CA TYR C 60 28.76 7.41 -15.18
C TYR C 60 27.99 6.14 -15.55
N PRO C 61 27.50 6.05 -16.79
CA PRO C 61 26.93 4.79 -17.25
C PRO C 61 28.03 3.84 -17.70
N ASP C 62 27.66 2.56 -17.84
CA ASP C 62 28.62 1.55 -18.26
C ASP C 62 29.09 1.70 -19.71
N SER C 63 28.77 2.82 -20.39
CA SER C 63 29.16 3.02 -21.77
C SER C 63 30.32 3.99 -21.96
N VAL C 64 30.60 4.85 -20.97
CA VAL C 64 31.66 5.84 -21.10
C VAL C 64 32.51 5.87 -19.84
N LYS C 65 32.41 4.82 -19.02
CA LYS C 65 33.23 4.75 -17.81
C LYS C 65 34.69 4.56 -18.17
N GLY C 66 35.56 5.34 -17.52
CA GLY C 66 36.99 5.30 -17.78
C GLY C 66 37.44 6.22 -18.89
N ARG C 67 36.59 6.46 -19.88
CA ARG C 67 36.96 7.34 -20.99
C ARG C 67 36.61 8.80 -20.71
N PHE C 68 35.51 9.05 -20.02
CA PHE C 68 35.13 10.39 -19.59
C PHE C 68 35.43 10.57 -18.11
N THR C 69 35.61 11.82 -17.70
CA THR C 69 35.89 12.12 -16.30
C THR C 69 35.27 13.47 -15.95
N ILE C 70 34.30 13.46 -15.04
CA ILE C 70 33.66 14.70 -14.61
C ILE C 70 34.42 15.25 -13.41
N SER C 71 34.49 16.58 -13.32
CA SER C 71 35.26 17.24 -12.29
C SER C 71 34.53 18.51 -11.84
N ARG C 72 34.95 19.04 -10.69
CA ARG C 72 34.33 20.22 -10.13
C ARG C 72 35.39 21.06 -9.44
N ASP C 73 35.30 22.38 -9.58
CA ASP C 73 36.22 23.30 -8.95
C ASP C 73 35.42 24.39 -8.25
N SER C 74 35.63 24.53 -6.94
CA SER C 74 34.88 25.51 -6.15
C SER C 74 35.50 26.90 -6.24
N ALA C 75 36.82 26.98 -6.31
CA ALA C 75 37.49 28.28 -6.42
C ALA C 75 37.11 29.00 -7.70
N GLN C 76 36.71 28.27 -8.75
CA GLN C 76 36.25 28.86 -9.99
C GLN C 76 34.76 28.66 -10.22
N ASN C 77 34.07 27.92 -9.36
CA ASN C 77 32.65 27.62 -9.51
C ASN C 77 32.36 27.02 -10.89
N THR C 78 33.15 26.01 -11.25
CA THR C 78 33.13 25.47 -12.60
C THR C 78 32.99 23.95 -12.59
N LEU C 79 32.16 23.45 -13.49
CA LEU C 79 31.98 22.02 -13.71
C LEU C 79 32.71 21.62 -14.99
N TYR C 80 33.60 20.65 -14.90
CA TYR C 80 34.43 20.24 -16.02
C TYR C 80 34.07 18.84 -16.48
N LEU C 81 34.28 18.58 -17.77
CA LEU C 81 34.08 17.26 -18.36
C LEU C 81 35.26 16.97 -19.28
N GLN C 82 36.16 16.08 -18.85
CA GLN C 82 37.32 15.69 -19.63
C GLN C 82 36.96 14.45 -20.45
N MET C 83 36.90 14.62 -21.77
CA MET C 83 36.61 13.53 -22.70
C MET C 83 37.91 13.17 -23.40
N ASN C 84 38.48 12.03 -23.04
CA ASN C 84 39.71 11.54 -23.66
C ASN C 84 39.37 10.55 -24.77
N SER C 85 40.27 10.47 -25.75
CA SER C 85 40.14 9.53 -26.87
C SER C 85 38.78 9.65 -27.54
N LEU C 86 38.56 10.83 -28.15
CA LEU C 86 37.28 11.11 -28.78
C LEU C 86 37.07 10.25 -30.01
N ARG C 87 35.88 9.68 -30.12
CA ARG C 87 35.50 8.82 -31.23
C ARG C 87 34.48 9.52 -32.12
N SER C 88 34.23 8.92 -33.28
CA SER C 88 33.29 9.50 -34.23
C SER C 88 31.87 9.53 -33.66
N GLU C 89 31.52 8.56 -32.82
CA GLU C 89 30.19 8.50 -32.21
C GLU C 89 30.03 9.45 -31.03
N ASP C 90 31.01 10.33 -30.79
CA ASP C 90 30.94 11.32 -29.73
C ASP C 90 30.49 12.69 -30.22
N THR C 91 30.34 12.87 -31.53
CA THR C 91 29.88 14.14 -32.08
C THR C 91 28.44 14.40 -31.66
N ALA C 92 28.22 15.45 -30.88
CA ALA C 92 26.91 15.74 -30.32
C ALA C 92 26.95 17.11 -29.66
N THR C 93 25.80 17.55 -29.17
CA THR C 93 25.68 18.76 -28.38
C THR C 93 25.64 18.39 -26.90
N TYR C 94 26.43 19.09 -26.10
CA TYR C 94 26.54 18.82 -24.68
C TYR C 94 25.98 19.98 -23.88
N TYR C 95 25.23 19.67 -22.83
CA TYR C 95 24.67 20.63 -21.91
C TYR C 95 25.10 20.28 -20.49
N CYS C 96 25.30 21.31 -19.67
CA CYS C 96 25.51 21.13 -18.25
C CYS C 96 24.24 21.51 -17.49
N THR C 97 23.88 20.68 -16.52
CA THR C 97 22.59 20.79 -15.84
C THR C 97 22.79 20.85 -14.35
N ARG C 98 22.08 21.76 -13.69
CA ARG C 98 21.94 21.78 -12.24
C ARG C 98 20.64 21.05 -11.90
N ASP C 99 20.77 19.90 -11.25
CA ASP C 99 19.62 19.08 -10.87
C ASP C 99 19.41 19.12 -9.37
N LEU C 100 18.19 18.79 -8.96
CA LEU C 100 17.82 18.71 -7.54
C LEU C 100 17.69 17.23 -7.17
N ARG C 101 18.55 16.77 -6.28
CA ARG C 101 18.61 15.35 -5.96
C ARG C 101 17.35 14.88 -5.24
N MET C 102 16.83 15.69 -4.32
CA MET C 102 15.66 15.28 -3.55
C MET C 102 14.38 15.19 -4.39
N SER C 103 14.44 15.59 -5.66
CA SER C 103 13.28 15.52 -6.53
C SER C 103 13.55 14.77 -7.83
N ASP C 104 14.80 14.39 -8.10
CA ASP C 104 15.17 13.57 -9.25
C ASP C 104 14.76 14.24 -10.57
N TYR C 105 15.27 15.45 -10.78
CA TYR C 105 15.03 16.17 -12.02
C TYR C 105 16.07 17.26 -12.18
N PHE C 106 16.34 17.63 -13.43
CA PHE C 106 17.30 18.68 -13.75
C PHE C 106 16.59 20.03 -13.71
N ASP C 107 16.95 20.85 -12.72
CA ASP C 107 16.26 22.12 -12.53
C ASP C 107 16.61 23.12 -13.63
N TYR C 108 17.90 23.32 -13.87
CA TYR C 108 18.36 24.30 -14.85
C TYR C 108 19.28 23.63 -15.87
N TRP C 109 19.18 24.06 -17.12
CA TRP C 109 19.98 23.54 -18.21
C TRP C 109 20.95 24.61 -18.70
N GLY C 110 22.05 24.15 -19.30
CA GLY C 110 23.09 25.04 -19.77
C GLY C 110 22.78 25.65 -21.12
N GLN C 111 23.82 26.21 -21.74
CA GLN C 111 23.67 26.89 -23.02
C GLN C 111 23.70 25.89 -24.18
N GLY C 112 24.76 25.09 -24.25
CA GLY C 112 24.91 24.11 -25.31
C GLY C 112 26.21 24.28 -26.07
N VAL C 113 27.03 23.24 -26.10
CA VAL C 113 28.32 23.27 -26.78
C VAL C 113 28.35 22.13 -27.78
N MET C 114 28.60 22.44 -29.05
CA MET C 114 28.71 21.42 -30.09
C MET C 114 30.12 20.86 -30.12
N VAL C 115 30.23 19.54 -30.20
CA VAL C 115 31.51 18.85 -30.33
C VAL C 115 31.42 17.94 -31.55
N THR C 116 32.30 18.18 -32.52
CA THR C 116 32.31 17.43 -33.77
C THR C 116 33.64 16.70 -33.90
N VAL C 117 33.58 15.39 -34.08
CA VAL C 117 34.75 14.54 -34.21
C VAL C 117 34.74 13.93 -35.60
N SER C 118 35.75 14.25 -36.40
CA SER C 118 35.84 13.74 -37.77
C SER C 118 37.28 13.78 -38.23
N SER C 119 37.65 12.79 -39.04
CA SER C 119 38.93 12.77 -39.73
C SER C 119 38.91 13.61 -41.01
N ALA C 120 37.83 14.34 -41.26
CA ALA C 120 37.65 15.06 -42.50
C ALA C 120 38.67 16.18 -42.64
N GLU C 121 38.89 16.59 -43.89
CA GLU C 121 39.84 17.62 -44.26
C GLU C 121 39.13 18.79 -44.91
N THR C 122 39.67 19.98 -44.71
CA THR C 122 39.11 21.18 -45.33
C THR C 122 39.48 21.18 -46.81
N THR C 123 38.54 20.75 -47.65
CA THR C 123 38.78 20.63 -49.09
C THR C 123 37.70 21.39 -49.85
N ALA C 124 38.03 21.73 -51.11
CA ALA C 124 37.16 22.50 -51.97
C ALA C 124 36.03 21.64 -52.52
N PRO C 125 34.87 22.24 -52.79
CA PRO C 125 33.73 21.48 -53.31
C PRO C 125 33.93 21.06 -54.76
N SER C 126 33.01 20.22 -55.23
CA SER C 126 32.94 19.83 -56.63
C SER C 126 31.54 20.15 -57.14
N VAL C 127 31.45 20.95 -58.20
CA VAL C 127 30.18 21.41 -58.72
C VAL C 127 29.81 20.62 -59.97
N TYR C 128 28.56 20.21 -60.06
CA TYR C 128 28.04 19.48 -61.20
C TYR C 128 26.71 20.07 -61.64
N PRO C 129 26.41 20.03 -62.94
CA PRO C 129 25.12 20.54 -63.44
C PRO C 129 24.08 19.44 -63.56
N LEU C 130 22.84 19.77 -63.21
CA LEU C 130 21.75 18.81 -63.16
C LEU C 130 20.62 19.29 -64.08
N ALA C 131 20.41 18.57 -65.17
CA ALA C 131 19.32 18.86 -66.10
C ALA C 131 18.53 17.60 -66.39
N THR C 143 12.99 22.63 -64.25
CA THR C 143 13.78 22.81 -63.03
C THR C 143 15.23 22.42 -63.25
N LEU C 144 16.13 23.38 -63.08
CA LEU C 144 17.56 23.16 -63.20
C LEU C 144 18.20 23.05 -61.82
N GLY C 145 19.31 22.34 -61.74
CA GLY C 145 19.97 22.11 -60.47
C GLY C 145 21.47 22.24 -60.55
N CYS C 146 22.07 22.58 -59.41
CA CYS C 146 23.51 22.61 -59.24
C CYS C 146 23.85 21.77 -58.02
N LEU C 147 24.68 20.73 -58.22
CA LEU C 147 25.02 19.77 -57.17
C LEU C 147 26.41 20.10 -56.64
N VAL C 148 26.49 20.33 -55.33
CA VAL C 148 27.75 20.59 -54.64
C VAL C 148 28.09 19.34 -53.85
N LYS C 149 29.13 18.63 -54.28
CA LYS C 149 29.49 17.34 -53.73
C LYS C 149 30.90 17.39 -53.14
N GLY C 150 31.08 16.67 -52.03
CA GLY C 150 32.38 16.50 -51.41
C GLY C 150 33.05 17.80 -50.99
N TYR C 151 32.47 18.49 -50.02
CA TYR C 151 33.03 19.74 -49.53
C TYR C 151 33.05 19.75 -48.01
N PHE C 152 33.95 20.57 -47.47
CA PHE C 152 34.14 20.75 -46.04
C PHE C 152 35.11 21.90 -45.82
N PRO C 153 34.84 22.80 -44.86
CA PRO C 153 33.65 22.82 -43.99
C PRO C 153 32.54 23.75 -44.49
N GLU C 154 31.46 23.83 -43.70
CA GLU C 154 30.36 24.72 -43.99
C GLU C 154 30.77 26.18 -43.70
N PRO C 155 30.04 27.16 -44.25
CA PRO C 155 28.92 27.03 -45.20
C PRO C 155 29.35 27.20 -46.65
N VAL C 156 28.47 26.77 -47.58
CA VAL C 156 28.70 26.92 -49.01
C VAL C 156 27.41 27.40 -49.64
N THR C 157 27.47 28.49 -50.41
CA THR C 157 26.27 29.09 -50.96
C THR C 157 26.24 28.95 -52.48
N VAL C 158 25.04 28.85 -53.03
CA VAL C 158 24.85 28.67 -54.46
C VAL C 158 23.85 29.71 -54.95
N THR C 159 24.31 30.65 -55.76
CA THR C 159 23.46 31.68 -56.34
C THR C 159 23.36 31.50 -57.84
N TRP C 160 22.20 31.86 -58.40
CA TRP C 160 21.93 31.70 -59.82
C TRP C 160 22.13 33.04 -60.52
N ASN C 161 23.02 33.05 -61.52
CA ASN C 161 23.31 34.25 -62.32
C ASN C 161 23.81 35.40 -61.44
N SER C 162 24.62 35.05 -60.44
CA SER C 162 25.24 36.03 -59.54
C SER C 162 24.19 36.91 -58.86
N GLY C 163 23.08 36.29 -58.45
CA GLY C 163 22.05 37.01 -57.75
C GLY C 163 21.18 37.87 -58.66
N ALA C 164 20.74 37.29 -59.77
CA ALA C 164 19.89 38.02 -60.70
C ALA C 164 18.43 38.00 -60.26
N LEU C 165 17.90 36.81 -59.98
CA LEU C 165 16.52 36.64 -59.54
C LEU C 165 16.52 36.06 -58.14
N SER C 166 15.69 36.61 -57.26
CA SER C 166 15.60 36.14 -55.88
C SER C 166 14.50 35.09 -55.71
N SER C 167 13.32 35.34 -56.27
CA SER C 167 12.22 34.39 -56.15
C SER C 167 12.35 33.30 -57.20
N GLY C 168 12.20 32.05 -56.77
CA GLY C 168 12.30 30.89 -57.64
C GLY C 168 13.46 29.98 -57.33
N VAL C 169 14.42 30.44 -56.54
CA VAL C 169 15.58 29.63 -56.18
C VAL C 169 15.32 28.96 -54.84
N HIS C 170 15.61 27.66 -54.76
CA HIS C 170 15.45 26.91 -53.52
C HIS C 170 16.70 26.06 -53.31
N THR C 171 17.42 26.32 -52.24
CA THR C 171 18.61 25.56 -51.88
C THR C 171 18.29 24.59 -50.76
N PHE C 172 18.62 23.33 -50.97
CA PHE C 172 18.35 22.22 -50.06
C PHE C 172 19.50 22.04 -49.07
N PRO C 173 19.20 21.62 -47.85
CA PRO C 173 20.26 21.46 -46.85
C PRO C 173 21.24 20.36 -47.23
N ALA C 174 22.40 20.39 -46.58
CA ALA C 174 23.46 19.45 -46.86
C ALA C 174 23.29 18.18 -46.02
N VAL C 175 23.99 17.13 -46.43
CA VAL C 175 23.93 15.84 -45.75
C VAL C 175 25.30 15.18 -45.88
N LEU C 176 25.76 14.57 -44.80
CA LEU C 176 27.03 13.85 -44.78
C LEU C 176 26.90 12.55 -45.57
N GLN C 177 27.72 12.40 -46.61
CA GLN C 177 27.80 11.19 -47.41
C GLN C 177 28.97 10.29 -47.01
N SER C 178 30.20 10.77 -47.21
CA SER C 178 31.41 10.06 -46.76
C SER C 178 32.30 11.06 -46.00
N GLY C 179 31.85 11.42 -44.79
CA GLY C 179 32.47 12.43 -43.94
C GLY C 179 32.62 13.77 -44.64
N LEU C 180 31.75 14.06 -45.60
CA LEU C 180 31.82 15.31 -46.36
C LEU C 180 30.40 15.77 -46.69
N TYR C 181 30.16 17.07 -46.54
CA TYR C 181 28.83 17.61 -46.84
C TYR C 181 28.56 17.57 -48.34
N THR C 182 27.28 17.65 -48.69
CA THR C 182 26.83 17.60 -50.07
C THR C 182 25.40 18.11 -50.15
N LEU C 183 25.13 19.05 -51.06
CA LEU C 183 23.80 19.62 -51.20
C LEU C 183 23.50 19.88 -52.67
N THR C 184 22.31 20.42 -52.92
CA THR C 184 21.86 20.77 -54.26
C THR C 184 21.02 22.04 -54.18
N SER C 185 21.08 22.83 -55.24
CA SER C 185 20.27 24.05 -55.36
C SER C 185 19.49 24.00 -56.65
N SER C 186 18.18 24.19 -56.57
CA SER C 186 17.29 24.06 -57.72
C SER C 186 16.61 25.39 -58.01
N VAL C 187 16.12 25.50 -59.24
CA VAL C 187 15.33 26.65 -59.67
C VAL C 187 14.31 26.19 -60.70
N THR C 188 13.10 26.72 -60.59
CA THR C 188 12.01 26.42 -61.53
C THR C 188 11.95 27.53 -62.56
N VAL C 189 12.09 27.16 -63.83
CA VAL C 189 12.15 28.14 -64.91
C VAL C 189 11.01 27.91 -65.88
N PRO C 190 10.46 28.97 -66.48
CA PRO C 190 9.39 28.79 -67.49
C PRO C 190 9.89 28.16 -68.77
N SER C 191 9.02 28.05 -69.77
CA SER C 191 9.39 27.39 -71.02
C SER C 191 10.20 28.31 -71.93
N SER C 192 9.75 29.55 -72.10
CA SER C 192 10.38 30.47 -73.04
C SER C 192 11.70 31.03 -72.52
N THR C 193 12.11 30.70 -71.30
CA THR C 193 13.35 31.23 -70.75
C THR C 193 14.54 30.29 -70.98
N TRP C 194 14.34 28.99 -70.80
CA TRP C 194 15.40 28.00 -70.98
C TRP C 194 15.00 26.98 -72.03
N PRO C 195 15.93 26.58 -72.92
CA PRO C 195 17.31 27.04 -72.97
C PRO C 195 17.53 28.24 -73.90
N SER C 196 16.59 29.19 -73.91
CA SER C 196 16.76 30.37 -74.73
C SER C 196 17.75 31.34 -74.11
N GLN C 197 17.85 31.37 -72.78
CA GLN C 197 18.78 32.22 -72.06
C GLN C 197 19.87 31.39 -71.44
N THR C 198 21.07 31.97 -71.34
CA THR C 198 22.20 31.29 -70.74
C THR C 198 22.09 31.35 -69.22
N VAL C 199 22.17 30.20 -68.57
CA VAL C 199 22.02 30.09 -67.12
C VAL C 199 23.38 29.78 -66.50
N THR C 200 23.75 30.55 -65.49
CA THR C 200 25.01 30.37 -64.78
C THR C 200 24.73 30.10 -63.31
N CYS C 201 25.64 29.33 -62.70
CA CYS C 201 25.53 28.93 -61.30
C CYS C 201 26.85 29.25 -60.61
N ASN C 202 26.80 30.11 -59.60
CA ASN C 202 27.97 30.54 -58.85
C ASN C 202 27.93 29.89 -57.47
N VAL C 203 28.91 29.04 -57.19
CA VAL C 203 29.04 28.36 -55.91
C VAL C 203 30.22 28.96 -55.17
N ALA C 204 29.97 29.46 -53.96
CA ALA C 204 30.96 30.14 -53.15
C ALA C 204 31.25 29.33 -51.89
N HIS C 205 32.52 29.11 -51.62
CA HIS C 205 32.98 28.41 -50.42
C HIS C 205 34.05 29.30 -49.76
N PRO C 206 33.76 29.90 -48.60
CA PRO C 206 34.71 30.86 -48.02
C PRO C 206 35.92 30.23 -47.36
N ALA C 207 35.82 28.98 -46.88
CA ALA C 207 36.94 28.37 -46.17
C ALA C 207 38.16 28.21 -47.09
N SER C 208 37.95 27.57 -48.24
CA SER C 208 39.00 27.47 -49.25
C SER C 208 39.02 28.67 -50.19
N SER C 209 38.11 29.63 -50.00
CA SER C 209 38.02 30.84 -50.82
C SER C 209 37.90 30.48 -52.30
N THR C 210 36.98 29.57 -52.59
CA THR C 210 36.79 29.04 -53.94
C THR C 210 35.44 29.45 -54.49
N LYS C 211 35.43 30.07 -55.66
CA LYS C 211 34.22 30.46 -56.36
C LYS C 211 34.20 29.73 -57.71
N VAL C 212 33.25 28.82 -57.87
CA VAL C 212 33.16 27.98 -59.06
C VAL C 212 31.91 28.37 -59.84
N ASP C 213 32.08 28.65 -61.12
CA ASP C 213 30.99 29.03 -62.00
C ASP C 213 30.74 27.93 -63.02
N LYS C 214 29.49 27.47 -63.09
CA LYS C 214 29.12 26.38 -64.00
C LYS C 214 27.90 26.78 -64.82
N LYS C 215 27.63 25.99 -65.86
CA LYS C 215 26.52 26.24 -66.76
C LYS C 215 25.82 24.92 -67.05
N ILE C 216 24.53 25.02 -67.38
CA ILE C 216 23.68 23.84 -67.59
C ILE C 216 23.13 23.91 -69.01
N VAL C 217 23.64 23.04 -69.88
CA VAL C 217 23.19 22.95 -71.27
C VAL C 217 23.06 21.48 -71.65
N PRO C 218 21.91 21.04 -72.20
CA PRO C 218 21.74 19.64 -72.59
C PRO C 218 22.22 19.35 -74.01
N LYS D 1 20.03 8.55 29.61
CA LYS D 1 19.31 9.66 29.01
C LYS D 1 18.66 9.24 27.69
N VAL D 2 19.45 8.64 26.81
CA VAL D 2 18.98 8.19 25.50
C VAL D 2 18.78 6.68 25.54
N ILE D 3 17.73 6.21 24.89
CA ILE D 3 17.39 4.80 24.87
C ILE D 3 17.81 4.20 23.53
N HIS D 4 18.63 3.15 23.58
CA HIS D 4 19.10 2.48 22.37
C HIS D 4 18.03 1.50 21.93
N GLY D 5 17.14 1.96 21.06
CA GLY D 5 16.07 1.09 20.60
C GLY D 5 15.29 1.70 19.47
N CYS D 6 14.12 1.11 19.21
CA CYS D 6 13.25 1.50 18.11
C CYS D 6 11.95 2.10 18.66
N ASN D 7 11.46 3.14 17.99
CA ASN D 7 10.23 3.82 18.37
C ASN D 7 9.22 3.64 17.23
N PHE D 8 8.14 2.91 17.50
CA PHE D 8 7.13 2.61 16.49
C PHE D 8 5.87 3.45 16.63
N SER D 9 5.84 4.37 17.59
CA SER D 9 4.68 5.23 17.81
C SER D 9 4.74 6.45 16.89
N SER D 10 3.57 6.97 16.55
CA SER D 10 3.46 8.16 15.72
C SER D 10 3.37 9.44 16.53
N ASN D 11 3.29 9.35 17.85
CA ASN D 11 3.19 10.54 18.70
C ASN D 11 4.53 11.26 18.72
N VAL D 12 4.52 12.55 18.35
CA VAL D 12 5.74 13.33 18.31
C VAL D 12 6.20 13.78 19.68
N SER D 13 5.31 13.81 20.67
CA SER D 13 5.64 14.25 22.02
C SER D 13 5.77 13.04 22.93
N SER D 14 6.93 12.90 23.58
CA SER D 14 7.17 11.80 24.49
C SER D 14 8.32 12.16 25.42
N LYS D 15 8.27 11.66 26.64
CA LYS D 15 9.31 11.90 27.62
C LYS D 15 10.51 10.98 27.44
N HIS D 16 10.42 9.97 26.59
CA HIS D 16 11.51 9.04 26.32
C HIS D 16 12.08 9.31 24.93
N THR D 17 13.40 9.20 24.81
CA THR D 17 14.12 9.49 23.57
C THR D 17 14.78 8.20 23.08
N PHE D 18 14.33 7.72 21.93
CA PHE D 18 14.87 6.51 21.32
C PHE D 18 15.84 6.86 20.20
N THR D 19 16.80 5.97 19.96
CA THR D 19 17.78 6.19 18.90
C THR D 19 17.19 5.97 17.52
N ASP D 20 16.20 5.10 17.38
CA ASP D 20 15.55 4.85 16.11
C ASP D 20 14.06 5.12 16.23
N SER D 21 13.45 5.47 15.10
CA SER D 21 12.03 5.79 15.07
C SER D 21 11.47 5.48 13.70
N LEU D 22 10.40 4.69 13.65
CA LEU D 22 9.75 4.32 12.40
C LEU D 22 8.24 4.25 12.64
N ASP D 23 7.50 5.13 11.98
CA ASP D 23 6.05 5.16 12.13
C ASP D 23 5.44 3.91 11.52
N ILE D 24 4.89 3.04 12.37
CA ILE D 24 4.30 1.79 11.90
C ILE D 24 2.91 2.00 11.31
N SER D 25 2.29 3.16 11.53
CA SER D 25 0.96 3.42 11.00
C SER D 25 0.97 3.68 9.50
N LEU D 26 2.13 3.98 8.92
CA LEU D 26 2.21 4.31 7.50
C LEU D 26 2.52 3.12 6.62
N VAL D 27 3.15 2.07 7.16
CA VAL D 27 3.52 0.93 6.33
C VAL D 27 2.28 0.13 5.93
N ASP D 28 2.45 -0.69 4.89
CA ASP D 28 1.34 -1.48 4.38
C ASP D 28 0.99 -2.61 5.33
N ASP D 29 -0.20 -3.17 5.14
CA ASP D 29 -0.64 -4.31 5.93
C ASP D 29 0.10 -5.57 5.49
N SER D 30 0.22 -6.52 6.42
CA SER D 30 0.93 -7.77 6.21
C SER D 30 2.38 -7.56 5.81
N ALA D 31 2.95 -6.41 6.16
CA ALA D 31 4.34 -6.09 5.88
C ALA D 31 5.18 -6.28 7.13
N HIS D 32 6.40 -6.78 6.95
CA HIS D 32 7.31 -7.10 8.05
C HIS D 32 8.58 -6.28 7.88
N ILE D 33 8.79 -5.32 8.78
CA ILE D 33 9.94 -4.43 8.73
C ILE D 33 10.79 -4.66 9.97
N SER D 34 12.11 -4.70 9.78
CA SER D 34 13.05 -4.98 10.86
C SER D 34 13.76 -3.71 11.29
N CYS D 35 14.08 -3.65 12.59
CA CYS D 35 14.82 -2.53 13.17
C CYS D 35 15.89 -3.13 14.09
N ASN D 36 17.11 -3.25 13.58
CA ASN D 36 18.18 -3.94 14.28
C ASN D 36 18.96 -2.99 15.18
N VAL D 37 19.43 -3.54 16.31
CA VAL D 37 20.25 -2.81 17.28
C VAL D 37 21.45 -3.68 17.61
N HIS D 38 22.64 -3.07 17.63
CA HIS D 38 23.88 -3.80 17.85
C HIS D 38 24.73 -3.04 18.86
N LEU D 39 25.14 -3.71 19.93
CA LEU D 39 26.02 -3.16 20.95
C LEU D 39 27.31 -3.96 20.98
N SER D 40 28.45 -3.25 20.94
CA SER D 40 29.76 -3.89 20.94
C SER D 40 30.72 -3.01 21.75
N GLU D 41 30.66 -3.15 23.07
CA GLU D 41 31.50 -2.41 23.99
C GLU D 41 31.99 -3.34 25.08
N PRO D 42 33.18 -3.08 25.64
CA PRO D 42 33.66 -3.93 26.74
C PRO D 42 32.78 -3.85 27.98
N LYS D 43 32.56 -2.64 28.49
CA LYS D 43 31.68 -2.42 29.63
C LYS D 43 30.38 -1.79 29.13
N TYR D 44 29.28 -2.15 29.77
CA TYR D 44 27.95 -1.70 29.37
C TYR D 44 27.28 -0.93 30.50
N ASN D 45 26.49 0.08 30.11
CA ASN D 45 25.62 0.81 31.01
C ASN D 45 24.58 1.56 30.20
N HIS D 46 23.86 0.82 29.34
CA HIS D 46 22.90 1.41 28.41
C HIS D 46 21.50 0.90 28.70
N LEU D 47 20.52 1.65 28.21
CA LEU D 47 19.10 1.30 28.32
C LEU D 47 18.60 0.93 26.94
N VAL D 48 18.23 -0.34 26.76
CA VAL D 48 17.75 -0.85 25.49
C VAL D 48 16.27 -1.18 25.63
N GLY D 49 15.46 -0.66 24.73
CA GLY D 49 14.03 -0.91 24.82
C GLY D 49 13.32 -0.54 23.54
N LEU D 50 12.00 -0.46 23.64
CA LEU D 50 11.18 -0.11 22.49
C LEU D 50 9.88 0.55 22.93
N ASN D 51 9.30 1.30 22.01
CA ASN D 51 8.00 1.95 22.17
C ASN D 51 7.08 1.41 21.08
N CYS D 52 6.03 0.72 21.49
CA CYS D 52 5.11 0.07 20.55
C CYS D 52 3.71 0.62 20.73
N PRO D 53 3.07 1.15 19.68
CA PRO D 53 1.70 1.66 19.82
C PRO D 53 0.64 0.58 19.87
N GLY D 54 1.01 -0.69 19.68
CA GLY D 54 0.06 -1.78 19.74
C GLY D 54 0.43 -2.80 20.79
N ASP D 55 0.51 -4.06 20.37
CA ASP D 55 0.83 -5.17 21.26
C ASP D 55 2.29 -5.60 21.08
N ILE D 56 2.85 -6.17 22.13
CA ILE D 56 4.25 -6.58 22.17
C ILE D 56 4.30 -8.10 22.31
N ILE D 57 5.13 -8.74 21.48
CA ILE D 57 5.18 -10.19 21.39
C ILE D 57 6.64 -10.65 21.49
N PRO D 58 7.01 -11.44 22.50
CA PRO D 58 6.16 -11.76 23.66
C PRO D 58 6.16 -10.62 24.67
N ASP D 59 5.95 -10.93 25.95
CA ASP D 59 6.18 -9.95 27.00
C ASP D 59 7.67 -9.65 27.02
N CYS D 60 8.07 -8.74 26.13
CA CYS D 60 9.45 -8.64 25.71
C CYS D 60 10.36 -8.11 26.82
N PHE D 61 11.66 -8.39 26.64
CA PHE D 61 12.76 -7.90 27.46
C PHE D 61 12.89 -8.64 28.78
N PHE D 62 11.80 -9.18 29.31
CA PHE D 62 11.95 -10.23 30.31
C PHE D 62 12.02 -11.59 29.63
N GLN D 63 11.12 -11.84 28.70
CA GLN D 63 11.20 -12.98 27.79
C GLN D 63 11.20 -12.45 26.36
N VAL D 64 12.06 -13.00 25.52
CA VAL D 64 12.24 -12.54 24.15
C VAL D 64 12.04 -13.73 23.22
N TYR D 65 12.09 -13.45 21.92
CA TYR D 65 11.92 -14.44 20.87
C TYR D 65 13.27 -14.67 20.21
N GLN D 66 13.75 -15.92 20.26
CA GLN D 66 15.07 -16.22 19.73
C GLN D 66 15.06 -16.18 18.20
N PRO D 67 16.12 -15.68 17.56
CA PRO D 67 16.15 -15.61 16.10
C PRO D 67 16.04 -16.97 15.43
N GLU D 68 14.85 -17.32 14.97
CA GLU D 68 14.58 -18.58 14.28
C GLU D 68 15.00 -19.79 15.12
N ASN D 76 12.02 -19.80 19.26
CA ASN D 76 11.19 -20.06 20.43
C ASN D 76 11.31 -18.92 21.44
N ILE D 77 10.41 -18.92 22.42
CA ILE D 77 10.37 -17.91 23.46
C ILE D 77 11.32 -18.33 24.58
N VAL D 78 12.29 -17.49 24.89
CA VAL D 78 13.29 -17.77 25.91
C VAL D 78 13.48 -16.56 26.79
N TYR D 79 13.82 -16.80 28.05
CA TYR D 79 13.96 -15.71 29.02
C TYR D 79 15.29 -15.00 28.84
N LEU D 80 15.29 -13.70 29.13
CA LEU D 80 16.47 -12.87 28.89
C LEU D 80 17.53 -13.07 29.96
N ASP D 81 17.14 -13.35 31.21
CA ASP D 81 18.14 -13.49 32.27
C ASP D 81 19.04 -14.69 32.03
N SER D 82 18.53 -15.74 31.40
CA SER D 82 19.35 -16.88 31.03
C SER D 82 20.02 -16.71 29.67
N GLN D 83 19.47 -15.84 28.81
CA GLN D 83 20.10 -15.58 27.52
C GLN D 83 21.34 -14.72 27.68
N ILE D 84 21.27 -13.69 28.53
CA ILE D 84 22.44 -12.84 28.76
C ILE D 84 23.34 -13.41 29.84
N ASN D 85 22.82 -14.28 30.70
CA ASN D 85 23.56 -14.90 31.79
C ASN D 85 24.09 -13.84 32.76
N ILE D 86 23.18 -12.99 33.22
CA ILE D 86 23.51 -11.93 34.17
C ILE D 86 22.33 -11.78 35.13
N GLY D 87 22.62 -11.69 36.43
CA GLY D 87 21.59 -11.75 37.44
C GLY D 87 21.06 -10.41 37.94
N ASP D 88 21.69 -9.30 37.56
CA ASP D 88 21.24 -8.00 38.03
C ASP D 88 20.82 -7.08 36.87
N ILE D 89 20.01 -7.62 35.95
CA ILE D 89 19.46 -6.81 34.87
C ILE D 89 18.24 -6.06 35.40
N GLU D 90 18.16 -4.77 35.09
CA GLU D 90 17.05 -3.95 35.56
C GLU D 90 15.99 -3.82 34.48
N TYR D 91 14.73 -3.76 34.89
CA TYR D 91 13.60 -3.70 33.96
C TYR D 91 12.72 -2.52 34.28
N TYR D 92 12.14 -1.92 33.24
CA TYR D 92 11.30 -0.74 33.38
C TYR D 92 10.20 -0.77 32.34
N GLU D 93 9.04 -0.24 32.70
CA GLU D 93 7.90 -0.18 31.80
C GLU D 93 7.15 1.12 32.03
N ASP D 94 6.46 1.58 30.98
CA ASP D 94 5.67 2.81 31.07
C ASP D 94 4.63 2.79 29.96
N ALA D 95 3.59 3.60 30.14
CA ALA D 95 2.50 3.69 29.18
C ALA D 95 2.12 5.16 28.99
N GLU D 96 2.07 5.59 27.73
CA GLU D 96 1.65 6.94 27.37
C GLU D 96 0.46 6.81 26.43
N GLY D 97 -0.74 6.77 27.00
CA GLY D 97 -1.95 6.56 26.22
C GLY D 97 -2.05 5.13 25.74
N ASP D 98 -1.98 4.93 24.42
CA ASP D 98 -1.97 3.60 23.84
C ASP D 98 -0.56 3.07 23.59
N ASP D 99 0.46 3.93 23.66
CA ASP D 99 1.83 3.51 23.47
C ASP D 99 2.36 2.80 24.70
N LYS D 100 3.22 1.81 24.48
CA LYS D 100 3.79 0.99 25.54
C LYS D 100 5.31 1.00 25.40
N ILE D 101 6.00 1.45 26.45
CA ILE D 101 7.46 1.57 26.46
C ILE D 101 8.00 0.49 27.40
N LYS D 102 8.84 -0.38 26.86
CA LYS D 102 9.48 -1.44 27.63
C LYS D 102 10.99 -1.31 27.49
N LEU D 103 11.70 -1.27 28.62
CA LEU D 103 13.14 -1.04 28.61
C LEU D 103 13.82 -1.98 29.59
N PHE D 104 15.09 -2.27 29.30
CA PHE D 104 15.94 -3.01 30.23
C PHE D 104 17.33 -2.42 30.22
N GLY D 105 17.98 -2.47 31.38
CA GLY D 105 19.32 -1.95 31.54
C GLY D 105 20.28 -3.01 32.04
N ILE D 106 21.46 -3.07 31.40
CA ILE D 106 22.51 -4.01 31.73
C ILE D 106 23.74 -3.23 32.16
N VAL D 107 24.49 -3.82 33.09
CA VAL D 107 25.72 -3.22 33.60
C VAL D 107 26.79 -4.30 33.69
N GLY D 108 27.95 -4.06 33.10
CA GLY D 108 29.05 -4.99 33.14
C GLY D 108 29.35 -5.59 31.77
N SER D 109 30.06 -6.71 31.80
CA SER D 109 30.44 -7.43 30.60
C SER D 109 29.50 -8.61 30.38
N ILE D 110 29.49 -9.12 29.15
CA ILE D 110 28.65 -10.23 28.74
C ILE D 110 29.53 -11.44 28.50
N PRO D 111 29.17 -12.63 29.00
CA PRO D 111 30.04 -13.79 28.80
C PRO D 111 30.12 -14.24 27.35
N LYS D 112 29.02 -14.15 26.61
CA LYS D 112 28.99 -14.58 25.22
C LYS D 112 28.10 -13.65 24.41
N THR D 113 28.48 -13.46 23.14
CA THR D 113 27.67 -12.66 22.23
C THR D 113 26.31 -13.31 22.04
N THR D 114 25.25 -12.52 22.20
CA THR D 114 23.89 -13.04 22.18
C THR D 114 22.99 -12.12 21.37
N SER D 115 22.03 -12.73 20.67
CA SER D 115 21.07 -12.01 19.85
C SER D 115 19.65 -12.47 20.19
N PHE D 116 18.71 -11.53 20.12
CA PHE D 116 17.31 -11.85 20.37
C PHE D 116 16.44 -10.89 19.57
N THR D 117 15.13 -11.15 19.59
CA THR D 117 14.19 -10.42 18.74
C THR D 117 12.88 -10.22 19.49
N CYS D 118 12.24 -9.07 19.24
CA CYS D 118 10.92 -8.75 19.77
C CYS D 118 10.04 -8.28 18.63
N ILE D 119 8.72 -8.38 18.82
CA ILE D 119 7.75 -8.07 17.78
C ILE D 119 6.79 -7.01 18.30
N CYS D 120 6.51 -6.00 17.47
CA CYS D 120 5.52 -4.98 17.75
C CYS D 120 4.43 -5.06 16.69
N LYS D 121 3.19 -5.28 17.12
CA LYS D 121 2.09 -5.54 16.20
C LYS D 121 1.01 -4.48 16.37
N LYS D 122 0.61 -3.86 15.26
CA LYS D 122 -0.53 -2.95 15.22
C LYS D 122 -1.42 -3.36 14.06
N ASP D 123 -2.61 -3.86 14.38
CA ASP D 123 -3.58 -4.31 13.37
C ASP D 123 -2.93 -5.44 12.58
N LYS D 124 -2.91 -5.38 11.25
CA LYS D 124 -2.25 -6.39 10.45
C LYS D 124 -0.75 -6.12 10.26
N LYS D 125 -0.27 -4.95 10.66
CA LYS D 125 1.13 -4.62 10.49
C LYS D 125 1.98 -5.27 11.57
N SER D 126 3.23 -5.56 11.23
CA SER D 126 4.15 -6.23 12.15
C SER D 126 5.55 -5.68 11.94
N ALA D 127 6.22 -5.34 13.04
CA ALA D 127 7.59 -4.84 13.01
C ALA D 127 8.44 -5.68 13.96
N TYR D 128 9.72 -5.80 13.63
CA TYR D 128 10.64 -6.63 14.40
C TYR D 128 11.82 -5.79 14.86
N MET D 129 12.18 -5.92 16.13
CA MET D 129 13.35 -5.27 16.71
C MET D 129 14.32 -6.37 17.14
N THR D 130 15.47 -6.42 16.49
CA THR D 130 16.50 -7.42 16.79
C THR D 130 17.66 -6.74 17.49
N VAL D 131 18.08 -7.32 18.62
CA VAL D 131 19.17 -6.79 19.44
C VAL D 131 20.30 -7.79 19.43
N THR D 132 21.53 -7.30 19.23
CA THR D 132 22.73 -8.10 19.26
C THR D 132 23.73 -7.46 20.22
N ILE D 133 24.28 -8.26 21.13
CA ILE D 133 25.20 -7.78 22.14
C ILE D 133 26.47 -8.63 22.09
N ASP D 134 27.60 -7.99 21.82
CA ASP D 134 28.88 -8.68 21.75
C ASP D 134 29.49 -8.79 23.14
N SER D 135 30.34 -9.80 23.30
CA SER D 135 31.01 -10.04 24.58
C SER D 135 32.22 -9.13 24.76
N GLN E 1 -12.27 1.89 17.84
CA GLN E 1 -13.56 1.48 18.39
C GLN E 1 -14.61 1.35 17.30
N PHE E 2 -15.32 0.23 17.30
CA PHE E 2 -16.36 -0.03 16.31
C PHE E 2 -17.23 -1.17 16.83
N VAL E 3 -18.36 -1.38 16.15
CA VAL E 3 -19.31 -2.41 16.51
C VAL E 3 -19.60 -3.28 15.29
N LEU E 4 -19.63 -4.59 15.51
CA LEU E 4 -19.90 -5.56 14.45
C LEU E 4 -21.37 -5.95 14.48
N SER E 5 -22.07 -5.69 13.39
CA SER E 5 -23.49 -6.00 13.28
C SER E 5 -23.68 -7.34 12.59
N GLN E 6 -24.63 -8.13 13.11
CA GLN E 6 -24.94 -9.44 12.57
C GLN E 6 -26.45 -9.62 12.53
N PRO E 7 -26.96 -10.37 11.54
CA PRO E 7 -28.40 -10.68 11.52
C PRO E 7 -28.75 -11.61 12.66
N ASN E 8 -29.98 -11.45 13.17
CA ASN E 8 -30.42 -12.25 14.31
C ASN E 8 -30.53 -13.73 13.96
N SER E 9 -31.31 -14.05 12.92
CA SER E 9 -31.54 -15.44 12.57
C SER E 9 -31.69 -15.58 11.06
N VAL E 10 -31.19 -16.70 10.53
CA VAL E 10 -31.32 -17.04 9.11
C VAL E 10 -31.77 -18.49 9.01
N SER E 11 -32.66 -18.77 8.08
CA SER E 11 -33.22 -20.10 7.87
C SER E 11 -32.82 -20.61 6.50
N THR E 12 -32.25 -21.82 6.46
CA THR E 12 -31.78 -22.42 5.22
C THR E 12 -32.14 -23.90 5.20
N ASN E 13 -32.43 -24.40 4.00
CA ASN E 13 -32.73 -25.82 3.85
C ASN E 13 -31.44 -26.65 3.85
N LEU E 14 -31.60 -27.95 4.03
CA LEU E 14 -30.47 -28.85 4.05
C LEU E 14 -29.84 -28.98 2.66
N GLY E 15 -28.51 -29.06 2.63
CA GLY E 15 -27.82 -29.24 1.36
C GLY E 15 -27.68 -27.99 0.53
N SER E 16 -27.83 -26.82 1.13
CA SER E 16 -27.77 -25.55 0.42
C SER E 16 -26.56 -24.74 0.89
N THR E 17 -26.36 -23.59 0.24
CA THR E 17 -25.27 -22.69 0.54
C THR E 17 -25.78 -21.53 1.39
N VAL E 18 -25.10 -21.25 2.49
CA VAL E 18 -25.49 -20.17 3.39
C VAL E 18 -24.34 -19.18 3.48
N LYS E 19 -24.71 -17.91 3.68
CA LYS E 19 -23.75 -16.81 3.77
C LYS E 19 -24.15 -15.93 4.95
N LEU E 20 -23.33 -15.92 6.00
CA LEU E 20 -23.57 -15.10 7.17
C LEU E 20 -22.69 -13.86 7.11
N SER E 21 -23.33 -12.69 7.09
CA SER E 21 -22.64 -11.41 6.95
C SER E 21 -22.20 -10.88 8.31
N CYS E 22 -21.29 -9.89 8.27
CA CYS E 22 -20.78 -9.23 9.49
C CYS E 22 -20.30 -7.83 9.11
N LYS E 23 -21.24 -6.90 9.02
CA LYS E 23 -20.91 -5.51 8.76
C LYS E 23 -20.45 -4.82 10.04
N ARG E 24 -19.79 -3.67 9.87
CA ARG E 24 -19.30 -2.89 10.99
C ARG E 24 -19.65 -1.41 10.76
N SER E 25 -19.43 -0.62 11.81
CA SER E 25 -19.83 0.80 11.80
C SER E 25 -18.76 1.68 11.18
N THR E 26 -17.64 1.86 11.88
CA THR E 26 -16.57 2.72 11.44
C THR E 26 -15.28 1.92 11.29
N GLY E 27 -14.47 2.32 10.31
CA GLY E 27 -13.22 1.65 10.02
C GLY E 27 -13.37 0.56 8.98
N ASN E 28 -12.26 0.27 8.31
CA ASN E 28 -12.24 -0.75 7.26
C ASN E 28 -12.13 -2.14 7.88
N ILE E 29 -12.86 -3.10 7.31
CA ILE E 29 -12.85 -4.44 7.86
C ILE E 29 -11.61 -5.22 7.42
N GLY E 30 -10.97 -4.82 6.32
CA GLY E 30 -9.74 -5.47 5.90
C GLY E 30 -8.52 -5.12 6.74
N SER E 31 -8.61 -4.06 7.53
CA SER E 31 -7.47 -3.63 8.33
C SER E 31 -7.27 -4.51 9.56
N ASN E 32 -8.35 -5.08 10.09
CA ASN E 32 -8.29 -5.90 11.29
C ASN E 32 -8.74 -7.32 10.97
N TYR E 33 -8.16 -8.28 11.69
CA TYR E 33 -8.50 -9.68 11.47
C TYR E 33 -9.93 -9.97 11.93
N VAL E 34 -10.63 -10.80 11.16
CA VAL E 34 -11.99 -11.21 11.47
C VAL E 34 -11.98 -12.70 11.81
N SER E 35 -12.69 -13.06 12.87
CA SER E 35 -12.78 -14.45 13.30
C SER E 35 -14.25 -14.87 13.39
N TRP E 36 -14.51 -16.15 13.12
CA TRP E 36 -15.85 -16.71 13.21
C TRP E 36 -15.83 -17.93 14.11
N TYR E 37 -16.76 -17.95 15.07
CA TYR E 37 -16.88 -18.99 16.08
C TYR E 37 -18.27 -19.58 16.04
N GLN E 38 -18.38 -20.88 16.30
CA GLN E 38 -19.65 -21.60 16.36
C GLN E 38 -19.98 -21.94 17.80
N HIS E 39 -21.19 -21.59 18.24
CA HIS E 39 -21.67 -21.83 19.60
C HIS E 39 -22.94 -22.67 19.54
N HIS E 40 -22.85 -23.91 20.02
CA HIS E 40 -23.99 -24.80 20.11
C HIS E 40 -24.68 -24.67 21.46
N GLU E 41 -25.96 -25.03 21.49
CA GLU E 41 -26.76 -24.91 22.69
C GLU E 41 -26.26 -25.87 23.76
N GLY E 42 -25.82 -25.31 24.90
CA GLY E 42 -25.36 -26.11 26.01
C GLY E 42 -23.96 -26.64 25.91
N ARG E 43 -23.04 -25.91 25.27
CA ARG E 43 -21.64 -26.34 25.18
C ARG E 43 -20.79 -25.12 24.85
N SER E 44 -19.48 -25.27 24.99
CA SER E 44 -18.56 -24.18 24.78
C SER E 44 -18.37 -23.92 23.29
N PRO E 45 -18.08 -22.67 22.91
CA PRO E 45 -17.90 -22.34 21.49
C PRO E 45 -16.61 -22.92 20.93
N THR E 46 -16.60 -23.09 19.61
CA THR E 46 -15.44 -23.59 18.90
C THR E 46 -15.11 -22.65 17.75
N THR E 47 -13.82 -22.42 17.53
CA THR E 47 -13.39 -21.52 16.47
C THR E 47 -13.60 -22.17 15.10
N MET E 48 -14.22 -21.44 14.19
CA MET E 48 -14.49 -21.96 12.85
C MET E 48 -13.52 -21.42 11.83
N ILE E 49 -13.29 -20.10 11.80
CA ILE E 49 -12.24 -19.52 10.97
C ILE E 49 -11.48 -18.50 11.81
N TYR E 50 -10.16 -18.65 11.87
CA TYR E 50 -9.35 -17.85 12.77
C TYR E 50 -8.77 -16.59 12.13
N ARG E 51 -8.15 -16.72 10.97
CA ARG E 51 -7.66 -15.54 10.25
C ARG E 51 -8.78 -14.99 9.37
N ASP E 52 -8.44 -14.08 8.47
CA ASP E 52 -9.46 -13.50 7.59
C ASP E 52 -10.13 -14.57 6.74
N ASP E 53 -9.35 -15.52 6.22
CA ASP E 53 -9.87 -16.59 5.39
C ASP E 53 -9.43 -17.98 5.82
N GLN E 54 -8.34 -18.10 6.60
CA GLN E 54 -7.82 -19.39 6.98
C GLN E 54 -8.78 -20.10 7.93
N ARG E 55 -8.67 -21.43 7.95
CA ARG E 55 -9.53 -22.30 8.75
C ARG E 55 -8.66 -23.35 9.44
N PRO E 56 -8.87 -23.60 10.73
CA PRO E 56 -8.00 -24.54 11.43
C PRO E 56 -8.36 -25.98 11.14
N ASP E 57 -7.36 -26.85 11.24
CA ASP E 57 -7.55 -28.27 10.99
C ASP E 57 -8.49 -28.86 12.03
N GLY E 58 -9.44 -29.66 11.57
CA GLY E 58 -10.53 -30.16 12.38
C GLY E 58 -11.88 -29.56 12.02
N VAL E 59 -11.88 -28.44 11.31
CA VAL E 59 -13.11 -27.81 10.82
C VAL E 59 -13.38 -28.33 9.42
N PRO E 60 -14.60 -28.77 9.11
CA PRO E 60 -14.86 -29.28 7.75
C PRO E 60 -14.63 -28.22 6.68
N ASP E 61 -14.19 -28.68 5.51
CA ASP E 61 -13.91 -27.79 4.40
C ASP E 61 -15.15 -27.07 3.89
N ARG E 62 -16.34 -27.45 4.34
CA ARG E 62 -17.55 -26.77 3.91
C ARG E 62 -17.61 -25.34 4.43
N PHE E 63 -16.96 -25.06 5.55
CA PHE E 63 -16.92 -23.70 6.10
C PHE E 63 -15.81 -22.91 5.43
N SER E 64 -16.11 -21.68 5.04
CA SER E 64 -15.14 -20.81 4.39
C SER E 64 -15.37 -19.37 4.83
N GLY E 65 -14.29 -18.63 4.99
CA GLY E 65 -14.35 -17.21 5.35
C GLY E 65 -13.94 -16.35 4.18
N SER E 66 -14.64 -15.22 4.02
CA SER E 66 -14.35 -14.28 2.95
C SER E 66 -14.66 -12.88 3.43
N ILE E 67 -14.11 -11.89 2.73
CA ILE E 67 -14.29 -10.48 3.07
C ILE E 67 -14.82 -9.75 1.85
N ASP E 68 -15.96 -9.08 2.00
CA ASP E 68 -16.56 -8.26 0.95
C ASP E 68 -16.26 -6.81 1.30
N ARG E 69 -15.26 -6.24 0.64
CA ARG E 69 -14.89 -4.86 0.92
C ARG E 69 -15.90 -3.86 0.37
N SER E 70 -16.69 -4.27 -0.63
CA SER E 70 -17.68 -3.35 -1.20
C SER E 70 -18.69 -2.91 -0.15
N SER E 71 -19.13 -3.83 0.70
CA SER E 71 -20.05 -3.52 1.79
C SER E 71 -19.36 -3.51 3.14
N ASN E 72 -18.03 -3.64 3.16
CA ASN E 72 -17.24 -3.60 4.39
C ASN E 72 -17.72 -4.63 5.40
N SER E 73 -17.80 -5.89 4.96
CA SER E 73 -18.32 -6.95 5.80
C SER E 73 -17.50 -8.22 5.59
N ALA E 74 -17.74 -9.19 6.48
CA ALA E 74 -17.11 -10.50 6.40
C ALA E 74 -18.20 -11.55 6.31
N LEU E 75 -18.08 -12.44 5.33
CA LEU E 75 -19.08 -13.47 5.07
C LEU E 75 -18.52 -14.85 5.39
N LEU E 76 -19.30 -15.64 6.12
CA LEU E 76 -19.01 -17.03 6.38
C LEU E 76 -19.92 -17.86 5.49
N THR E 77 -19.32 -18.58 4.54
CA THR E 77 -20.05 -19.38 3.56
C THR E 77 -19.97 -20.85 3.94
N ILE E 78 -21.12 -21.52 3.94
CA ILE E 78 -21.22 -22.94 4.25
C ILE E 78 -21.93 -23.63 3.09
N ASP E 79 -21.21 -24.51 2.39
CA ASP E 79 -21.77 -25.32 1.33
C ASP E 79 -22.17 -26.68 1.86
N ASN E 80 -23.27 -27.22 1.35
CA ASN E 80 -23.79 -28.53 1.76
C ASN E 80 -23.97 -28.57 3.28
N VAL E 81 -24.89 -27.72 3.76
CA VAL E 81 -25.12 -27.58 5.19
C VAL E 81 -25.73 -28.85 5.74
N GLN E 82 -25.26 -29.26 6.92
CA GLN E 82 -25.74 -30.47 7.58
C GLN E 82 -26.62 -30.11 8.77
N THR E 83 -27.26 -31.13 9.35
CA THR E 83 -28.16 -30.91 10.47
C THR E 83 -27.42 -30.43 11.71
N GLU E 84 -26.17 -30.83 11.89
CA GLU E 84 -25.42 -30.42 13.07
C GLU E 84 -24.84 -29.02 12.96
N ASP E 85 -25.09 -28.31 11.86
CA ASP E 85 -24.66 -26.93 11.71
C ASP E 85 -25.62 -25.95 12.35
N GLU E 86 -26.75 -26.42 12.88
CA GLU E 86 -27.74 -25.57 13.55
C GLU E 86 -27.17 -25.05 14.85
N ALA E 87 -26.62 -23.85 14.83
CA ALA E 87 -26.01 -23.24 16.01
C ALA E 87 -25.88 -21.74 15.77
N ALA E 88 -25.41 -21.03 16.79
CA ALA E 88 -25.16 -19.60 16.68
C ALA E 88 -23.76 -19.37 16.14
N TYR E 89 -23.60 -18.30 15.36
CA TYR E 89 -22.31 -17.95 14.78
C TYR E 89 -21.94 -16.54 15.18
N PHE E 90 -20.73 -16.37 15.70
CA PHE E 90 -20.28 -15.10 16.25
C PHE E 90 -19.07 -14.58 15.48
N CYS E 91 -19.11 -13.28 15.21
CA CYS E 91 -18.09 -12.56 14.46
C CYS E 91 -17.26 -11.71 15.42
N HIS E 92 -15.94 -11.83 15.34
CA HIS E 92 -15.04 -11.18 16.28
C HIS E 92 -13.97 -10.39 15.54
N SER E 93 -13.55 -9.28 16.15
CA SER E 93 -12.47 -8.47 15.60
C SER E 93 -11.78 -7.72 16.74
N TYR E 94 -10.45 -7.67 16.67
CA TYR E 94 -9.63 -7.00 17.66
C TYR E 94 -9.07 -5.71 17.08
N SER E 95 -8.94 -4.68 17.94
CA SER E 95 -8.46 -3.37 17.52
C SER E 95 -7.72 -2.70 18.68
N THR E 96 -6.57 -3.28 19.03
CA THR E 96 -5.65 -2.70 20.01
C THR E 96 -6.34 -2.37 21.33
N GLY E 97 -6.61 -3.39 22.14
CA GLY E 97 -7.22 -3.21 23.43
C GLY E 97 -8.69 -3.57 23.50
N MET E 98 -9.37 -3.59 22.35
CA MET E 98 -10.81 -3.81 22.29
C MET E 98 -11.10 -5.05 21.45
N TYR E 99 -11.67 -6.06 22.08
CA TYR E 99 -12.13 -7.27 21.38
C TYR E 99 -13.63 -7.14 21.18
N ILE E 100 -14.04 -6.66 20.01
CA ILE E 100 -15.46 -6.45 19.73
C ILE E 100 -16.03 -7.69 19.06
N PHE E 101 -17.16 -8.17 19.58
CA PHE E 101 -17.86 -9.31 19.01
C PHE E 101 -19.09 -8.86 18.24
N GLY E 102 -19.67 -9.81 17.50
CA GLY E 102 -20.87 -9.52 16.76
C GLY E 102 -22.13 -9.85 17.54
N GLY E 103 -23.27 -9.51 16.94
CA GLY E 103 -24.54 -9.77 17.60
C GLY E 103 -24.86 -11.25 17.73
N GLY E 104 -24.47 -12.03 16.73
CA GLY E 104 -24.78 -13.44 16.73
C GLY E 104 -25.91 -13.77 15.76
N THR E 105 -25.81 -14.91 15.07
CA THR E 105 -26.80 -15.30 14.08
C THR E 105 -27.32 -16.70 14.39
N LYS E 106 -28.61 -16.79 14.69
CA LYS E 106 -29.24 -18.07 14.98
C LYS E 106 -29.54 -18.78 13.66
N LEU E 107 -28.64 -19.68 13.26
CA LEU E 107 -28.85 -20.44 12.04
C LEU E 107 -29.72 -21.66 12.32
N THR E 108 -30.79 -21.80 11.56
CA THR E 108 -31.72 -22.93 11.71
C THR E 108 -31.77 -23.71 10.41
N VAL E 109 -31.36 -24.97 10.46
CA VAL E 109 -31.40 -25.85 9.29
C VAL E 109 -32.79 -26.49 9.20
N LEU E 110 -33.40 -26.41 8.02
CA LEU E 110 -34.74 -26.94 7.81
C LEU E 110 -34.64 -28.40 7.40
N GLY E 111 -34.76 -29.30 8.37
CA GLY E 111 -34.76 -30.72 8.10
C GLY E 111 -36.14 -31.32 8.18
N GLN E 112 -36.88 -31.00 9.26
CA GLN E 112 -38.25 -31.46 9.41
C GLN E 112 -39.21 -30.51 8.70
N PRO E 113 -40.37 -31.03 8.25
CA PRO E 113 -41.31 -30.17 7.50
C PRO E 113 -41.99 -29.10 8.34
N LYS E 114 -43.01 -28.47 7.77
CA LYS E 114 -43.70 -27.36 8.39
C LYS E 114 -44.61 -27.86 9.52
N SER E 115 -45.12 -26.91 10.30
CA SER E 115 -46.02 -27.21 11.40
C SER E 115 -46.96 -26.04 11.63
N THR E 116 -48.18 -26.35 12.07
CA THR E 116 -49.17 -25.33 12.36
C THR E 116 -49.33 -25.15 13.86
N PRO E 117 -49.49 -23.92 14.34
CA PRO E 117 -49.47 -23.68 15.79
C PRO E 117 -50.74 -24.13 16.47
N THR E 118 -50.60 -24.49 17.75
CA THR E 118 -51.72 -24.89 18.59
C THR E 118 -51.67 -24.06 19.87
N LEU E 119 -52.67 -23.20 20.06
CA LEU E 119 -52.70 -22.31 21.21
C LEU E 119 -53.63 -22.88 22.28
N THR E 120 -53.21 -22.75 23.54
CA THR E 120 -54.00 -23.16 24.69
C THR E 120 -54.03 -21.99 25.67
N MET E 121 -55.20 -21.36 25.83
CA MET E 121 -55.33 -20.21 26.70
C MET E 121 -55.82 -20.63 28.08
N PHE E 122 -55.34 -19.93 29.10
CA PHE E 122 -55.77 -20.20 30.46
C PHE E 122 -55.98 -18.89 31.22
N PRO E 123 -57.19 -18.67 31.74
CA PRO E 123 -57.49 -17.44 32.47
C PRO E 123 -56.96 -17.53 33.90
N PRO E 124 -57.01 -16.43 34.65
CA PRO E 124 -56.49 -16.48 36.03
C PRO E 124 -57.32 -17.42 36.90
N SER E 125 -56.63 -18.11 37.80
CA SER E 125 -57.28 -19.08 38.67
C SER E 125 -58.21 -18.37 39.65
N PRO E 126 -59.26 -19.06 40.12
CA PRO E 126 -60.12 -18.46 41.15
C PRO E 126 -59.40 -18.21 42.46
N GLU E 127 -58.44 -19.08 42.82
CA GLU E 127 -57.66 -18.83 44.03
C GLU E 127 -56.74 -17.63 43.85
N GLU E 128 -56.26 -17.38 42.63
CA GLU E 128 -55.46 -16.19 42.38
C GLU E 128 -56.31 -14.93 42.38
N LEU E 129 -57.55 -15.03 41.90
CA LEU E 129 -58.44 -13.87 41.93
C LEU E 129 -58.91 -13.57 43.36
N GLN E 130 -59.03 -14.60 44.19
CA GLN E 130 -59.26 -14.37 45.61
C GLN E 130 -58.04 -13.74 46.26
N GLU E 131 -56.86 -13.96 45.69
CA GLU E 131 -55.61 -13.35 46.14
C GLU E 131 -55.39 -11.96 45.56
N ASN E 132 -56.27 -11.50 44.68
CA ASN E 132 -56.16 -10.19 44.03
C ASN E 132 -54.89 -10.12 43.17
N LYS E 133 -54.83 -11.02 42.19
CA LYS E 133 -53.70 -11.10 41.27
C LYS E 133 -54.18 -11.81 40.01
N ALA E 134 -53.68 -11.36 38.86
CA ALA E 134 -54.10 -11.91 37.57
C ALA E 134 -52.89 -12.36 36.78
N THR E 135 -52.91 -13.61 36.32
CA THR E 135 -51.85 -14.17 35.49
C THR E 135 -52.49 -14.98 34.38
N LEU E 136 -52.36 -14.50 33.14
CA LEU E 136 -52.90 -15.19 31.98
C LEU E 136 -51.84 -16.08 31.36
N VAL E 137 -52.22 -17.30 31.00
CA VAL E 137 -51.29 -18.29 30.47
C VAL E 137 -51.60 -18.54 29.01
N CYS E 138 -50.55 -18.60 28.18
CA CYS E 138 -50.67 -18.88 26.75
C CYS E 138 -49.67 -19.98 26.40
N LEU E 139 -50.17 -21.19 26.15
CA LEU E 139 -49.33 -22.33 25.83
C LEU E 139 -49.27 -22.52 24.31
N ILE E 140 -48.06 -22.64 23.78
CA ILE E 140 -47.82 -22.83 22.36
C ILE E 140 -47.07 -24.15 22.18
N SER E 141 -47.58 -25.00 21.28
CA SER E 141 -46.96 -26.29 21.03
C SER E 141 -47.14 -26.65 19.56
N ASN E 142 -46.40 -27.68 19.14
CA ASN E 142 -46.49 -28.25 17.78
C ASN E 142 -46.17 -27.18 16.72
N PHE E 143 -44.91 -26.74 16.74
CA PHE E 143 -44.46 -25.75 15.78
C PHE E 143 -42.98 -25.95 15.49
N SER E 144 -42.62 -25.85 14.21
CA SER E 144 -41.26 -25.98 13.73
C SER E 144 -41.10 -25.05 12.52
N PRO E 145 -40.02 -24.26 12.44
CA PRO E 145 -38.92 -24.21 13.40
C PRO E 145 -39.22 -23.34 14.62
N SER E 146 -38.18 -23.06 15.41
CA SER E 146 -38.32 -22.31 16.65
C SER E 146 -38.52 -20.82 16.44
N GLY E 147 -38.43 -20.32 15.20
CA GLY E 147 -38.65 -18.92 14.93
C GLY E 147 -40.08 -18.50 15.20
N VAL E 148 -40.32 -17.91 16.37
CA VAL E 148 -41.66 -17.57 16.84
C VAL E 148 -41.56 -16.27 17.63
N THR E 149 -42.45 -15.32 17.34
CA THR E 149 -42.51 -14.08 18.11
C THR E 149 -43.92 -13.89 18.65
N VAL E 150 -44.03 -13.75 19.97
CA VAL E 150 -45.33 -13.66 20.63
C VAL E 150 -45.60 -12.22 21.05
N ALA E 151 -46.87 -11.93 21.29
CA ALA E 151 -47.32 -10.63 21.74
C ALA E 151 -48.68 -10.78 22.41
N TRP E 152 -49.06 -9.76 23.17
CA TRP E 152 -50.34 -9.73 23.87
C TRP E 152 -51.08 -8.46 23.51
N LYS E 153 -52.40 -8.56 23.34
CA LYS E 153 -53.23 -7.41 23.04
C LYS E 153 -54.37 -7.33 24.05
N ALA E 154 -54.57 -6.15 24.62
CA ALA E 154 -55.68 -5.88 25.53
C ALA E 154 -56.68 -5.01 24.80
N ASN E 155 -57.83 -5.60 24.44
CA ASN E 155 -58.88 -4.91 23.69
C ASN E 155 -58.34 -4.31 22.39
N GLY E 156 -57.49 -5.07 21.70
CA GLY E 156 -56.94 -4.66 20.43
C GLY E 156 -55.64 -3.89 20.51
N THR E 157 -55.30 -3.35 21.69
CA THR E 157 -54.05 -2.59 21.80
C THR E 157 -52.94 -3.45 22.37
N PRO E 158 -51.74 -3.39 21.78
CA PRO E 158 -50.63 -4.21 22.26
C PRO E 158 -50.19 -3.80 23.66
N ILE E 159 -50.30 -4.74 24.60
CA ILE E 159 -49.88 -4.52 25.98
C ILE E 159 -48.48 -5.08 26.15
N THR E 160 -47.55 -4.24 26.58
CA THR E 160 -46.15 -4.63 26.73
C THR E 160 -45.74 -4.86 28.17
N GLN E 161 -46.29 -4.09 29.11
CA GLN E 161 -45.93 -4.22 30.52
C GLN E 161 -46.45 -5.54 31.07
N GLY E 162 -45.55 -6.31 31.69
CA GLY E 162 -45.93 -7.56 32.32
C GLY E 162 -46.05 -8.75 31.39
N VAL E 163 -45.12 -8.89 30.45
CA VAL E 163 -45.10 -10.01 29.51
C VAL E 163 -43.83 -10.80 29.75
N ASP E 164 -43.97 -12.09 30.05
CA ASP E 164 -42.83 -12.97 30.28
C ASP E 164 -42.96 -14.20 29.40
N THR E 165 -42.03 -14.37 28.48
CA THR E 165 -42.08 -15.47 27.52
C THR E 165 -40.78 -16.26 27.58
N SER E 166 -40.90 -17.58 27.69
CA SER E 166 -39.74 -18.47 27.65
C SER E 166 -39.31 -18.67 26.20
N ASN E 167 -38.38 -19.59 25.98
CA ASN E 167 -37.90 -19.89 24.64
C ASN E 167 -38.35 -21.28 24.20
N PRO E 168 -38.47 -21.51 22.89
CA PRO E 168 -38.91 -22.83 22.41
C PRO E 168 -37.86 -23.90 22.70
N THR E 169 -38.29 -24.99 23.32
CA THR E 169 -37.45 -26.13 23.62
C THR E 169 -38.00 -27.37 22.95
N LYS E 170 -37.16 -28.40 22.84
CA LYS E 170 -37.52 -29.61 22.12
C LYS E 170 -38.35 -30.53 23.02
N GLU E 171 -39.64 -30.63 22.71
CA GLU E 171 -40.55 -31.60 23.32
C GLU E 171 -41.37 -32.24 22.22
N ASP E 172 -41.83 -33.47 22.45
CA ASP E 172 -42.59 -34.23 21.44
C ASP E 172 -41.69 -34.33 20.20
N ASN E 173 -42.10 -33.81 19.04
CA ASN E 173 -41.24 -33.77 17.87
C ASN E 173 -40.87 -32.36 17.42
N LYS E 174 -41.64 -31.35 17.80
CA LYS E 174 -41.44 -29.96 17.40
C LYS E 174 -41.17 -29.11 18.62
N TYR E 175 -40.96 -27.81 18.41
CA TYR E 175 -40.61 -26.94 19.54
C TYR E 175 -41.84 -26.65 20.40
N MET E 176 -41.59 -26.09 21.59
CA MET E 176 -42.63 -25.87 22.58
C MET E 176 -42.26 -24.67 23.44
N ALA E 177 -43.21 -23.76 23.64
CA ALA E 177 -42.96 -22.55 24.41
C ALA E 177 -44.21 -22.13 25.16
N SER E 178 -44.02 -21.30 26.18
CA SER E 178 -45.11 -20.78 27.00
C SER E 178 -44.94 -19.27 27.20
N SER E 179 -46.04 -18.60 27.50
CA SER E 179 -46.04 -17.17 27.74
C SER E 179 -47.00 -16.83 28.88
N PHE E 180 -46.67 -15.77 29.61
CA PHE E 180 -47.44 -15.34 30.76
C PHE E 180 -47.64 -13.83 30.73
N LEU E 181 -48.83 -13.39 31.11
CA LEU E 181 -49.17 -11.97 31.17
C LEU E 181 -49.63 -11.61 32.58
N HIS E 182 -48.98 -10.59 33.15
CA HIS E 182 -49.33 -10.08 34.47
C HIS E 182 -50.42 -9.02 34.34
N LEU E 183 -51.37 -9.05 35.28
CA LEU E 183 -52.45 -8.08 35.29
C LEU E 183 -52.98 -7.92 36.71
N THR E 184 -53.47 -6.71 37.00
CA THR E 184 -54.10 -6.44 38.29
C THR E 184 -55.50 -7.04 38.33
N SER E 185 -55.93 -7.40 39.54
CA SER E 185 -57.24 -8.03 39.72
C SER E 185 -58.35 -7.20 39.11
N ASP E 186 -58.37 -5.90 39.41
CA ASP E 186 -59.44 -5.04 38.90
C ASP E 186 -59.21 -4.63 37.45
N GLN E 187 -57.95 -4.53 37.01
CA GLN E 187 -57.67 -4.19 35.63
C GLN E 187 -58.00 -5.32 34.66
N TRP E 188 -58.09 -6.56 35.15
CA TRP E 188 -58.42 -7.67 34.27
C TRP E 188 -59.89 -7.66 33.90
N ARG E 189 -60.78 -7.50 34.89
CA ARG E 189 -62.21 -7.47 34.63
C ARG E 189 -62.68 -6.15 34.04
N SER E 190 -61.82 -5.13 33.97
CA SER E 190 -62.21 -3.85 33.43
C SER E 190 -62.51 -3.95 31.93
N HIS E 191 -61.62 -4.58 31.17
CA HIS E 191 -61.76 -4.72 29.73
C HIS E 191 -61.96 -6.19 29.39
N ASN E 192 -62.92 -6.45 28.49
CA ASN E 192 -63.39 -7.80 28.20
C ASN E 192 -62.70 -8.44 27.01
N SER E 193 -61.44 -8.12 26.76
CA SER E 193 -60.73 -8.72 25.64
C SER E 193 -59.24 -8.82 25.96
N PHE E 194 -58.69 -10.03 25.85
CA PHE E 194 -57.26 -10.27 26.02
C PHE E 194 -56.86 -11.38 25.06
N THR E 195 -56.09 -11.02 24.03
CA THR E 195 -55.70 -11.96 22.98
C THR E 195 -54.20 -12.21 23.02
N CYS E 196 -53.82 -13.47 22.78
CA CYS E 196 -52.43 -13.89 22.71
C CYS E 196 -52.08 -14.15 21.25
N GLN E 197 -51.30 -13.25 20.65
CA GLN E 197 -50.90 -13.38 19.25
C GLN E 197 -49.55 -14.07 19.17
N VAL E 198 -49.45 -15.01 18.24
CA VAL E 198 -48.21 -15.75 18.00
C VAL E 198 -47.92 -15.71 16.51
N THR E 199 -46.78 -15.13 16.14
CA THR E 199 -46.36 -15.07 14.74
C THR E 199 -45.35 -16.20 14.54
N HIS E 200 -45.78 -17.22 13.79
CA HIS E 200 -44.97 -18.39 13.47
C HIS E 200 -45.37 -18.87 12.08
N GLU E 201 -44.39 -18.92 11.17
CA GLU E 201 -44.58 -19.51 9.84
C GLU E 201 -45.69 -18.84 9.04
N GLY E 202 -45.81 -17.52 9.19
CA GLY E 202 -46.76 -16.74 8.43
C GLY E 202 -48.15 -16.65 9.03
N ASN E 203 -48.55 -17.67 9.80
CA ASN E 203 -49.85 -17.65 10.45
C ASN E 203 -49.76 -16.81 11.72
N THR E 204 -50.56 -15.74 11.78
CA THR E 204 -50.61 -14.88 12.95
C THR E 204 -51.81 -15.37 13.77
N VAL E 205 -51.58 -16.46 14.49
CA VAL E 205 -52.67 -17.10 15.21
C VAL E 205 -53.02 -16.30 16.44
N GLU E 206 -54.32 -16.16 16.69
CA GLU E 206 -54.84 -15.35 17.78
C GLU E 206 -55.86 -16.17 18.56
N LYS E 207 -55.76 -16.12 19.89
CA LYS E 207 -56.75 -16.73 20.77
C LYS E 207 -57.11 -15.73 21.87
N SER E 208 -58.40 -15.49 22.04
CA SER E 208 -58.89 -14.49 22.96
C SER E 208 -59.37 -15.12 24.27
N LEU E 209 -59.48 -14.28 25.29
CA LEU E 209 -60.05 -14.68 26.58
C LEU E 209 -60.86 -13.51 27.13
N SER E 210 -62.06 -13.80 27.61
CA SER E 210 -62.93 -12.76 28.14
C SER E 210 -63.33 -13.08 29.57
N PRO E 211 -63.36 -12.08 30.46
CA PRO E 211 -63.79 -12.33 31.84
C PRO E 211 -65.25 -12.69 32.00
N ALA E 212 -66.03 -12.68 30.92
CA ALA E 212 -67.44 -13.03 30.98
C ALA E 212 -67.63 -14.55 30.97
N GLU F 1 -2.98 -32.32 23.35
CA GLU F 1 -4.38 -32.08 23.71
C GLU F 1 -4.50 -30.92 24.70
N VAL F 2 -5.04 -29.81 24.22
CA VAL F 2 -5.20 -28.62 25.05
C VAL F 2 -6.55 -28.69 25.77
N GLN F 3 -6.53 -28.49 27.08
CA GLN F 3 -7.75 -28.50 27.89
C GLN F 3 -7.76 -27.32 28.84
N LEU F 4 -8.84 -26.54 28.79
CA LEU F 4 -9.06 -25.42 29.69
C LEU F 4 -10.25 -25.76 30.56
N VAL F 5 -9.99 -26.12 31.82
CA VAL F 5 -11.05 -26.55 32.74
C VAL F 5 -11.25 -25.46 33.78
N GLU F 6 -12.44 -24.89 33.83
CA GLU F 6 -12.74 -23.75 34.66
C GLU F 6 -13.72 -24.13 35.78
N SER F 7 -13.67 -23.35 36.86
CA SER F 7 -14.49 -23.59 38.03
C SER F 7 -14.50 -22.32 38.88
N GLY F 8 -15.15 -22.41 40.04
CA GLY F 8 -15.18 -21.30 40.97
C GLY F 8 -16.36 -20.36 40.81
N GLY F 9 -17.51 -20.87 40.39
CA GLY F 9 -18.68 -20.03 40.19
C GLY F 9 -19.92 -20.68 40.79
N GLY F 10 -20.97 -19.88 40.92
CA GLY F 10 -22.22 -20.37 41.45
C GLY F 10 -23.22 -19.26 41.63
N LEU F 11 -24.08 -19.42 42.64
CA LEU F 11 -25.10 -18.45 42.98
C LEU F 11 -24.71 -17.70 44.25
N LEU F 12 -24.94 -16.39 44.25
CA LEU F 12 -24.60 -15.56 45.39
C LEU F 12 -25.40 -14.27 45.31
N GLN F 13 -25.58 -13.63 46.46
CA GLN F 13 -26.32 -12.39 46.60
C GLN F 13 -25.51 -11.21 46.06
N PRO F 14 -26.19 -10.18 45.57
CA PRO F 14 -25.47 -9.03 45.00
C PRO F 14 -24.66 -8.29 46.05
N GLY F 15 -23.44 -7.92 45.69
CA GLY F 15 -22.52 -7.25 46.57
C GLY F 15 -21.34 -8.10 47.01
N ARG F 16 -21.38 -9.40 46.75
CA ARG F 16 -20.31 -10.31 47.16
C ARG F 16 -19.28 -10.46 46.05
N SER F 17 -18.10 -10.92 46.45
CA SER F 17 -16.99 -11.15 45.52
C SER F 17 -16.87 -12.64 45.20
N LEU F 18 -16.18 -12.93 44.10
CA LEU F 18 -16.04 -14.30 43.62
C LEU F 18 -14.82 -14.40 42.73
N LYS F 19 -14.00 -15.42 42.95
CA LYS F 19 -12.77 -15.61 42.18
C LYS F 19 -12.93 -16.83 41.28
N LEU F 20 -13.18 -16.60 40.00
CA LEU F 20 -13.21 -17.68 39.03
C LEU F 20 -11.80 -18.18 38.74
N SER F 21 -11.64 -19.49 38.62
CA SER F 21 -10.37 -20.12 38.34
C SER F 21 -10.48 -20.93 37.06
N CYS F 22 -9.35 -21.12 36.38
CA CYS F 22 -9.34 -21.89 35.14
C CYS F 22 -7.94 -22.49 34.97
N VAL F 23 -7.85 -23.82 35.11
CA VAL F 23 -6.59 -24.53 34.95
C VAL F 23 -6.40 -24.87 33.48
N ALA F 24 -5.21 -24.57 32.97
CA ALA F 24 -4.86 -24.80 31.57
C ALA F 24 -3.91 -25.99 31.49
N SER F 25 -4.06 -26.78 30.42
CA SER F 25 -3.19 -27.93 30.20
C SER F 25 -3.00 -28.13 28.71
N GLY F 26 -1.88 -28.75 28.35
CA GLY F 26 -1.60 -29.09 26.97
C GLY F 26 -0.73 -28.11 26.20
N PHE F 27 -0.17 -27.11 26.87
CA PHE F 27 0.68 -26.14 26.20
C PHE F 27 1.55 -25.44 27.24
N THR F 28 2.62 -24.80 26.77
CA THR F 28 3.47 -24.00 27.63
C THR F 28 2.68 -22.80 28.15
N PHE F 29 2.51 -22.72 29.47
CA PHE F 29 1.56 -21.76 30.04
C PHE F 29 2.03 -20.32 29.84
N ASN F 30 3.32 -20.07 30.04
CA ASN F 30 3.88 -18.72 29.98
C ASN F 30 4.24 -18.29 28.56
N ASN F 31 3.57 -18.81 27.54
CA ASN F 31 3.86 -18.47 26.15
C ASN F 31 2.68 -17.91 25.37
N TYR F 32 1.45 -18.11 25.83
CA TYR F 32 0.27 -17.68 25.11
C TYR F 32 -0.59 -16.76 25.96
N TRP F 33 -1.32 -15.86 25.30
CA TRP F 33 -2.23 -14.96 25.99
C TRP F 33 -3.48 -15.71 26.43
N MET F 34 -4.11 -15.19 27.48
CA MET F 34 -5.34 -15.77 28.03
C MET F 34 -6.37 -14.68 28.22
N SER F 35 -7.65 -15.04 28.01
CA SER F 35 -8.73 -14.07 28.07
C SER F 35 -9.97 -14.70 28.70
N TRP F 36 -10.91 -13.83 29.09
CA TRP F 36 -12.18 -14.23 29.66
C TRP F 36 -13.31 -13.68 28.81
N ILE F 37 -14.28 -14.55 28.49
CA ILE F 37 -15.43 -14.17 27.67
C ILE F 37 -16.69 -14.65 28.37
N ARG F 38 -17.65 -13.76 28.57
CA ARG F 38 -18.90 -14.14 29.20
C ARG F 38 -20.03 -14.11 28.18
N GLN F 39 -21.19 -14.62 28.59
CA GLN F 39 -22.38 -14.59 27.75
C GLN F 39 -23.60 -14.52 28.64
N ALA F 40 -24.37 -13.44 28.49
CA ALA F 40 -25.58 -13.25 29.26
C ALA F 40 -26.75 -13.98 28.61
N PRO F 41 -27.81 -14.29 29.39
CA PRO F 41 -28.97 -14.97 28.80
C PRO F 41 -29.60 -14.20 27.66
N GLY F 42 -29.51 -14.74 26.45
CA GLY F 42 -30.12 -14.12 25.29
C GLY F 42 -29.52 -12.80 24.88
N LYS F 43 -28.21 -12.64 25.02
CA LYS F 43 -27.54 -11.40 24.66
C LYS F 43 -26.33 -11.58 23.75
N GLY F 44 -25.75 -12.75 23.67
CA GLY F 44 -24.52 -12.90 22.90
C GLY F 44 -23.29 -12.69 23.75
N LEU F 45 -22.20 -13.35 23.35
CA LEU F 45 -20.99 -13.36 24.16
C LEU F 45 -20.18 -12.08 23.96
N GLU F 46 -19.42 -11.73 25.00
CA GLU F 46 -18.66 -10.49 25.05
C GLU F 46 -17.40 -10.70 25.87
N TRP F 47 -16.30 -10.10 25.39
CA TRP F 47 -15.02 -10.19 26.08
C TRP F 47 -15.00 -9.29 27.30
N ILE F 48 -14.34 -9.72 28.37
CA ILE F 48 -14.35 -8.95 29.61
C ILE F 48 -12.95 -8.67 30.14
N ALA F 49 -11.98 -9.54 29.84
CA ALA F 49 -10.64 -9.35 30.37
C ALA F 49 -9.64 -10.10 29.51
N SER F 50 -8.41 -9.57 29.46
CA SER F 50 -7.34 -10.22 28.72
C SER F 50 -6.02 -9.96 29.41
N ILE F 51 -5.15 -10.99 29.44
CA ILE F 51 -3.84 -10.88 30.05
C ILE F 51 -2.82 -11.53 29.12
N SER F 52 -1.57 -11.08 29.23
CA SER F 52 -0.50 -11.50 28.33
C SER F 52 0.18 -12.76 28.89
N ASN F 53 1.40 -13.03 28.43
CA ASN F 53 2.07 -14.28 28.78
C ASN F 53 2.44 -14.33 30.27
N ILE F 54 2.97 -13.23 30.80
CA ILE F 54 3.36 -13.19 32.20
C ILE F 54 2.84 -11.90 32.81
N GLY F 55 1.70 -11.41 32.31
CA GLY F 55 1.09 -10.22 32.85
C GLY F 55 1.80 -8.93 32.50
N GLY F 56 2.49 -8.89 31.36
CA GLY F 56 3.16 -7.67 30.95
C GLY F 56 2.18 -6.56 30.60
N THR F 57 1.13 -6.90 29.86
CA THR F 57 0.08 -5.96 29.52
C THR F 57 -1.28 -6.59 29.80
N ILE F 58 -2.20 -5.80 30.35
CA ILE F 58 -3.53 -6.27 30.72
C ILE F 58 -4.56 -5.39 30.03
N TYR F 59 -5.64 -6.00 29.55
CA TYR F 59 -6.68 -5.31 28.79
C TYR F 59 -8.03 -5.51 29.47
N TYR F 60 -8.67 -4.39 29.80
CA TYR F 60 -10.05 -4.34 30.28
C TYR F 60 -10.85 -3.38 29.41
N PRO F 61 -12.14 -3.61 29.25
CA PRO F 61 -13.00 -2.63 28.58
C PRO F 61 -13.52 -1.58 29.56
N ASP F 62 -14.12 -0.54 28.99
CA ASP F 62 -14.71 0.52 29.82
C ASP F 62 -15.92 0.03 30.59
N SER F 63 -16.51 -1.11 30.20
CA SER F 63 -17.70 -1.61 30.87
C SER F 63 -17.40 -1.97 32.32
N VAL F 64 -16.30 -2.68 32.56
CA VAL F 64 -15.93 -3.10 33.90
C VAL F 64 -14.41 -2.97 34.07
N LYS F 65 -13.95 -1.74 34.29
CA LYS F 65 -12.54 -1.45 34.48
C LYS F 65 -12.32 -1.01 35.92
N GLY F 66 -11.47 -1.74 36.64
CA GLY F 66 -11.23 -1.50 38.05
C GLY F 66 -12.05 -2.36 38.98
N ARG F 67 -13.18 -2.89 38.51
CA ARG F 67 -13.99 -3.78 39.32
C ARG F 67 -13.54 -5.23 39.21
N PHE F 68 -13.18 -5.69 38.00
CA PHE F 68 -12.63 -7.01 37.82
C PHE F 68 -11.11 -6.95 37.83
N THR F 69 -10.49 -8.09 38.13
CA THR F 69 -9.03 -8.20 38.14
C THR F 69 -8.64 -9.57 37.60
N ILE F 70 -8.04 -9.61 36.42
CA ILE F 70 -7.59 -10.86 35.82
C ILE F 70 -6.16 -11.12 36.28
N SER F 71 -5.88 -12.37 36.66
CA SER F 71 -4.62 -12.74 37.26
C SER F 71 -4.10 -14.02 36.62
N ARG F 72 -2.81 -14.27 36.84
CA ARG F 72 -2.14 -15.41 36.23
C ARG F 72 -1.18 -16.03 37.24
N ASP F 73 -1.19 -17.36 37.34
CA ASP F 73 -0.31 -18.08 38.26
C ASP F 73 0.46 -19.12 37.45
N SER F 74 1.77 -18.90 37.33
CA SER F 74 2.61 -19.79 36.54
C SER F 74 2.93 -21.09 37.29
N ALA F 75 2.90 -21.06 38.62
CA ALA F 75 3.22 -22.27 39.37
C ALA F 75 2.12 -23.32 39.22
N GLN F 76 0.86 -22.89 39.29
CA GLN F 76 -0.27 -23.80 39.13
C GLN F 76 -0.84 -23.79 37.72
N ASN F 77 -0.26 -23.00 36.82
CA ASN F 77 -0.74 -22.88 35.44
C ASN F 77 -2.22 -22.51 35.39
N THR F 78 -2.58 -21.47 36.13
CA THR F 78 -3.98 -21.15 36.36
C THR F 78 -4.28 -19.70 36.05
N LEU F 79 -5.37 -19.46 35.32
CA LEU F 79 -5.86 -18.12 35.03
C LEU F 79 -7.02 -17.80 35.96
N TYR F 80 -6.96 -16.64 36.61
CA TYR F 80 -7.95 -16.24 37.59
C TYR F 80 -8.68 -14.98 37.14
N LEU F 81 -9.91 -14.83 37.62
CA LEU F 81 -10.70 -13.63 37.40
C LEU F 81 -11.41 -13.29 38.71
N GLN F 82 -10.94 -12.25 39.40
CA GLN F 82 -11.57 -11.78 40.62
C GLN F 82 -12.65 -10.77 40.26
N MET F 83 -13.89 -11.09 40.61
CA MET F 83 -15.06 -10.25 40.37
C MET F 83 -15.56 -9.74 41.71
N ASN F 84 -15.33 -8.46 41.97
CA ASN F 84 -15.75 -7.82 43.21
C ASN F 84 -17.07 -7.08 42.99
N SER F 85 -17.85 -6.96 44.05
CA SER F 85 -19.11 -6.22 44.06
C SER F 85 -20.02 -6.68 42.91
N LEU F 86 -20.31 -7.98 42.92
CA LEU F 86 -21.13 -8.56 41.85
C LEU F 86 -22.54 -8.00 41.88
N ARG F 87 -23.09 -7.75 40.70
CA ARG F 87 -24.41 -7.17 40.54
C ARG F 87 -25.32 -8.13 39.78
N SER F 88 -26.62 -7.85 39.82
CA SER F 88 -27.59 -8.69 39.15
C SER F 88 -27.38 -8.75 37.64
N GLU F 89 -26.69 -7.76 37.07
CA GLU F 89 -26.39 -7.72 35.65
C GLU F 89 -25.17 -8.54 35.27
N ASP F 90 -24.47 -9.10 36.24
CA ASP F 90 -23.31 -9.96 35.99
C ASP F 90 -23.69 -11.41 35.73
N THR F 91 -24.98 -11.76 35.86
CA THR F 91 -25.42 -13.13 35.64
C THR F 91 -25.12 -13.58 34.21
N ALA F 92 -24.14 -14.45 34.05
CA ALA F 92 -23.72 -14.89 32.73
C ALA F 92 -22.91 -16.17 32.86
N THR F 93 -22.75 -16.86 31.73
CA THR F 93 -21.88 -18.03 31.65
C THR F 93 -20.50 -17.58 31.19
N TYR F 94 -19.47 -17.96 31.93
CA TYR F 94 -18.11 -17.49 31.69
C TYR F 94 -17.24 -18.59 31.10
N TYR F 95 -16.26 -18.17 30.30
CA TYR F 95 -15.32 -19.06 29.64
C TYR F 95 -13.93 -18.45 29.70
N CYS F 96 -12.92 -19.29 29.88
CA CYS F 96 -11.53 -18.90 29.71
C CYS F 96 -11.03 -19.39 28.36
N THR F 97 -10.26 -18.56 27.68
CA THR F 97 -9.80 -18.85 26.33
C THR F 97 -8.29 -18.65 26.25
N ARG F 98 -7.64 -19.52 25.48
CA ARG F 98 -6.21 -19.37 25.17
C ARG F 98 -6.11 -18.53 23.90
N ASP F 99 -5.75 -17.26 24.06
CA ASP F 99 -5.77 -16.31 22.96
C ASP F 99 -4.44 -16.35 22.20
N LEU F 100 -4.54 -16.35 20.87
CA LEU F 100 -3.37 -16.24 20.00
C LEU F 100 -3.31 -14.82 19.45
N ARG F 101 -2.19 -14.14 19.67
CA ARG F 101 -2.07 -12.72 19.38
C ARG F 101 -1.65 -12.45 17.93
N MET F 102 -0.75 -13.26 17.38
CA MET F 102 -0.25 -13.03 16.03
C MET F 102 -1.35 -13.12 14.98
N SER F 103 -2.49 -13.71 15.30
CA SER F 103 -3.61 -13.82 14.38
C SER F 103 -4.89 -13.19 14.90
N ASP F 104 -4.88 -12.67 16.13
CA ASP F 104 -6.03 -11.97 16.72
C ASP F 104 -7.28 -12.86 16.75
N TYR F 105 -7.16 -13.97 17.47
CA TYR F 105 -8.29 -14.86 17.68
C TYR F 105 -8.01 -15.76 18.87
N PHE F 106 -9.07 -16.37 19.38
CA PHE F 106 -9.00 -17.29 20.50
C PHE F 106 -8.91 -18.71 19.95
N ASP F 107 -7.83 -19.42 20.30
CA ASP F 107 -7.60 -20.75 19.75
C ASP F 107 -8.48 -21.80 20.42
N TYR F 108 -8.43 -21.88 21.74
CA TYR F 108 -9.19 -22.86 22.50
C TYR F 108 -10.05 -22.17 23.54
N TRP F 109 -11.25 -22.70 23.76
CA TRP F 109 -12.19 -22.19 24.73
C TRP F 109 -12.25 -23.13 25.94
N GLY F 110 -12.82 -22.62 27.03
CA GLY F 110 -12.97 -23.40 28.25
C GLY F 110 -14.13 -24.38 28.15
N GLN F 111 -14.74 -24.66 29.30
CA GLN F 111 -15.88 -25.56 29.38
C GLN F 111 -17.19 -24.86 29.69
N GLY F 112 -17.18 -23.88 30.59
CA GLY F 112 -18.38 -23.15 30.94
C GLY F 112 -18.66 -23.13 32.43
N VAL F 113 -18.66 -21.93 33.01
CA VAL F 113 -18.95 -21.73 34.42
C VAL F 113 -20.15 -20.80 34.53
N MET F 114 -21.20 -21.27 35.18
CA MET F 114 -22.41 -20.48 35.37
C MET F 114 -22.31 -19.65 36.64
N VAL F 115 -22.52 -18.34 36.51
CA VAL F 115 -22.53 -17.42 37.65
C VAL F 115 -23.87 -16.69 37.62
N THR F 116 -24.65 -16.86 38.68
CA THR F 116 -25.98 -16.26 38.79
C THR F 116 -26.02 -15.40 40.04
N VAL F 117 -25.99 -14.08 39.86
CA VAL F 117 -26.06 -13.12 40.95
C VAL F 117 -27.50 -12.64 41.05
N SER F 118 -28.20 -13.06 42.10
CA SER F 118 -29.60 -12.71 42.28
C SER F 118 -29.88 -12.40 43.74
N SER F 119 -30.86 -11.52 43.97
CA SER F 119 -31.28 -11.19 45.32
C SER F 119 -32.31 -12.16 45.87
N ALA F 120 -32.81 -13.08 45.05
CA ALA F 120 -33.86 -13.98 45.48
C ALA F 120 -33.34 -15.02 46.47
N GLU F 121 -34.24 -15.46 47.34
CA GLU F 121 -33.95 -16.51 48.31
C GLU F 121 -34.71 -17.78 47.93
N THR F 122 -34.35 -18.89 48.58
CA THR F 122 -35.03 -20.16 48.36
C THR F 122 -36.45 -20.05 48.87
N THR F 123 -37.40 -19.81 47.96
CA THR F 123 -38.79 -19.59 48.31
C THR F 123 -39.66 -20.74 47.83
N ALA F 124 -40.75 -20.98 48.56
CA ALA F 124 -41.69 -22.05 48.23
C ALA F 124 -42.61 -21.61 47.08
N PRO F 125 -42.98 -22.55 46.21
CA PRO F 125 -43.83 -22.20 45.08
C PRO F 125 -45.26 -21.92 45.51
N SER F 126 -46.03 -21.36 44.57
CA SER F 126 -47.47 -21.17 44.71
C SER F 126 -48.16 -21.88 43.56
N VAL F 127 -49.09 -22.77 43.89
CA VAL F 127 -49.75 -23.61 42.90
C VAL F 127 -51.17 -23.09 42.66
N TYR F 128 -51.55 -23.00 41.39
CA TYR F 128 -52.88 -22.56 41.00
C TYR F 128 -53.46 -23.50 39.96
N PRO F 129 -54.77 -23.73 39.97
CA PRO F 129 -55.38 -24.59 38.95
C PRO F 129 -55.89 -23.81 37.75
N LEU F 130 -55.73 -24.40 36.57
CA LEU F 130 -56.06 -23.75 35.31
C LEU F 130 -57.05 -24.62 34.55
N ALA F 131 -58.29 -24.14 34.45
CA ALA F 131 -59.34 -24.82 33.69
C ALA F 131 -60.00 -23.85 32.73
N THR F 143 -58.08 -29.65 28.07
CA THR F 143 -56.73 -29.50 28.57
C THR F 143 -56.72 -28.82 29.93
N LEU F 144 -56.19 -29.51 30.94
CA LEU F 144 -56.09 -28.98 32.29
C LEU F 144 -54.65 -28.55 32.56
N GLY F 145 -54.49 -27.58 33.46
CA GLY F 145 -53.18 -27.03 33.73
C GLY F 145 -52.95 -26.78 35.21
N CYS F 146 -51.67 -26.84 35.60
CA CYS F 146 -51.23 -26.45 36.92
C CYS F 146 -50.16 -25.38 36.77
N LEU F 147 -50.38 -24.23 37.40
CA LEU F 147 -49.50 -23.08 37.31
C LEU F 147 -48.67 -22.97 38.57
N VAL F 148 -47.35 -23.05 38.42
CA VAL F 148 -46.41 -22.94 39.54
C VAL F 148 -45.72 -21.60 39.41
N LYS F 149 -45.99 -20.70 40.35
CA LYS F 149 -45.52 -19.32 40.29
C LYS F 149 -44.66 -19.01 41.51
N GLY F 150 -43.63 -18.19 41.30
CA GLY F 150 -42.89 -17.65 42.43
C GLY F 150 -42.08 -18.68 43.19
N TYR F 151 -41.43 -19.59 42.49
CA TYR F 151 -40.58 -20.60 43.12
C TYR F 151 -39.12 -20.34 42.78
N PHE F 152 -38.24 -20.68 43.72
CA PHE F 152 -36.81 -20.49 43.54
C PHE F 152 -36.09 -21.31 44.59
N PRO F 153 -35.02 -22.05 44.22
CA PRO F 153 -34.52 -22.15 42.85
C PRO F 153 -35.01 -23.41 42.14
N GLU F 154 -34.56 -23.60 40.90
CA GLU F 154 -34.90 -24.78 40.13
C GLU F 154 -34.21 -26.02 40.70
N PRO F 155 -34.74 -27.23 40.41
CA PRO F 155 -35.93 -27.53 39.61
C PRO F 155 -37.17 -27.85 40.43
N VAL F 156 -38.28 -28.09 39.74
CA VAL F 156 -39.57 -28.40 40.36
C VAL F 156 -40.26 -29.46 39.53
N THR F 157 -40.83 -30.47 40.19
CA THR F 157 -41.50 -31.57 39.51
C THR F 157 -43.01 -31.40 39.64
N VAL F 158 -43.72 -31.47 38.51
CA VAL F 158 -45.17 -31.37 38.49
C VAL F 158 -45.71 -32.65 37.85
N THR F 159 -46.27 -33.53 38.68
CA THR F 159 -46.80 -34.80 38.21
C THR F 159 -48.30 -34.85 38.42
N TRP F 160 -48.99 -35.52 37.50
CA TRP F 160 -50.45 -35.63 37.55
C TRP F 160 -50.84 -36.95 38.19
N ASN F 161 -51.62 -36.87 39.27
CA ASN F 161 -52.11 -38.06 39.99
C ASN F 161 -50.96 -38.91 40.52
N SER F 162 -49.90 -38.26 40.98
CA SER F 162 -48.75 -38.93 41.58
C SER F 162 -48.13 -39.96 40.62
N GLY F 163 -48.02 -39.59 39.35
CA GLY F 163 -47.41 -40.47 38.37
C GLY F 163 -48.29 -41.63 37.96
N ALA F 164 -49.55 -41.33 37.61
CA ALA F 164 -50.49 -42.33 37.14
C ALA F 164 -50.33 -42.62 35.65
N LEU F 165 -50.40 -41.58 34.82
CA LEU F 165 -50.25 -41.70 33.39
C LEU F 165 -49.02 -40.93 32.92
N SER F 166 -48.24 -41.55 32.04
CA SER F 166 -47.01 -40.94 31.54
C SER F 166 -47.25 -40.20 30.23
N SER F 167 -47.95 -40.83 29.28
CA SER F 167 -48.23 -40.19 28.01
C SER F 167 -49.41 -39.24 28.14
N GLY F 168 -49.23 -38.01 27.67
CA GLY F 168 -50.27 -36.99 27.68
C GLY F 168 -49.93 -35.78 28.53
N VAL F 169 -48.91 -35.87 29.37
CA VAL F 169 -48.49 -34.78 30.24
C VAL F 169 -47.35 -34.04 29.56
N HIS F 170 -47.46 -32.71 29.50
CA HIS F 170 -46.42 -31.86 28.91
C HIS F 170 -46.14 -30.71 29.85
N THR F 171 -44.90 -30.62 30.35
CA THR F 171 -44.48 -29.56 31.23
C THR F 171 -43.64 -28.55 30.47
N PHE F 172 -44.05 -27.27 30.53
CA PHE F 172 -43.40 -26.16 29.85
C PHE F 172 -42.26 -25.61 30.69
N PRO F 173 -41.20 -25.10 30.06
CA PRO F 173 -40.06 -24.59 30.81
C PRO F 173 -40.44 -23.33 31.60
N ALA F 174 -39.49 -22.89 32.42
CA ALA F 174 -39.70 -21.76 33.31
C ALA F 174 -39.26 -20.45 32.66
N VAL F 175 -39.71 -19.36 33.24
CA VAL F 175 -39.35 -18.02 32.79
C VAL F 175 -39.32 -17.09 34.00
N LEU F 176 -38.35 -16.18 34.00
CA LEU F 176 -38.21 -15.22 35.09
C LEU F 176 -39.22 -14.10 34.91
N GLN F 177 -40.05 -13.88 35.92
CA GLN F 177 -41.05 -12.83 35.88
C GLN F 177 -40.59 -11.63 36.71
N SER F 178 -40.50 -11.80 38.03
CA SER F 178 -40.00 -10.77 38.94
C SER F 178 -38.92 -11.40 39.82
N GLY F 179 -37.79 -11.74 39.21
CA GLY F 179 -36.67 -12.43 39.85
C GLY F 179 -37.09 -13.76 40.48
N LEU F 180 -38.16 -14.37 39.97
CA LEU F 180 -38.68 -15.63 40.49
C LEU F 180 -39.19 -16.48 39.34
N TYR F 181 -39.00 -17.79 39.45
CA TYR F 181 -39.36 -18.71 38.37
C TYR F 181 -40.86 -18.99 38.35
N THR F 182 -41.36 -19.31 37.16
CA THR F 182 -42.78 -19.60 36.98
C THR F 182 -42.93 -20.49 35.75
N LEU F 183 -43.66 -21.59 35.89
CA LEU F 183 -43.94 -22.49 34.78
C LEU F 183 -45.37 -23.00 34.87
N THR F 184 -45.74 -23.82 33.89
CA THR F 184 -47.05 -24.45 33.84
C THR F 184 -46.90 -25.86 33.30
N SER F 185 -47.78 -26.75 33.75
CA SER F 185 -47.81 -28.13 33.27
C SER F 185 -49.22 -28.46 32.83
N SER F 186 -49.37 -28.95 31.59
CA SER F 186 -50.67 -29.20 31.00
C SER F 186 -50.84 -30.68 30.69
N VAL F 187 -52.10 -31.08 30.56
CA VAL F 187 -52.45 -32.44 30.16
C VAL F 187 -53.72 -32.37 29.32
N THR F 188 -53.74 -33.18 28.26
CA THR F 188 -54.90 -33.30 27.38
C THR F 188 -55.72 -34.51 27.81
N VAL F 189 -56.98 -34.27 28.16
CA VAL F 189 -57.84 -35.34 28.67
C VAL F 189 -59.03 -35.53 27.74
N PRO F 190 -59.52 -36.76 27.56
CA PRO F 190 -60.70 -36.97 26.73
C PRO F 190 -61.97 -36.42 27.36
N SER F 191 -63.12 -36.65 26.71
CA SER F 191 -64.37 -36.10 27.21
C SER F 191 -64.93 -36.91 28.38
N SER F 192 -64.95 -38.23 28.24
CA SER F 192 -65.56 -39.09 29.25
C SER F 192 -64.73 -39.23 30.52
N THR F 193 -63.53 -38.63 30.57
CA THR F 193 -62.69 -38.73 31.75
C THR F 193 -62.88 -37.57 32.72
N TRP F 194 -62.97 -36.34 32.20
CA TRP F 194 -63.12 -35.16 33.03
C TRP F 194 -64.39 -34.41 32.65
N PRO F 195 -65.16 -33.93 33.63
CA PRO F 195 -64.87 -34.03 35.07
C PRO F 195 -65.52 -35.23 35.74
N SER F 196 -65.48 -36.39 35.08
CA SER F 196 -66.02 -37.61 35.68
C SER F 196 -65.07 -38.19 36.71
N GLN F 197 -63.77 -38.05 36.50
CA GLN F 197 -62.76 -38.55 37.42
C GLN F 197 -62.09 -37.40 38.14
N THR F 198 -61.70 -37.64 39.39
CA THR F 198 -61.03 -36.63 40.19
C THR F 198 -59.57 -36.52 39.77
N VAL F 199 -59.13 -35.31 39.45
CA VAL F 199 -57.79 -35.04 38.96
C VAL F 199 -57.00 -34.34 40.05
N THR F 200 -55.79 -34.82 40.32
CA THR F 200 -54.90 -34.24 41.32
C THR F 200 -53.57 -33.87 40.67
N CYS F 201 -52.98 -32.78 41.16
CA CYS F 201 -51.71 -32.27 40.67
C CYS F 201 -50.75 -32.15 41.84
N ASN F 202 -49.63 -32.86 41.77
CA ASN F 202 -48.61 -32.87 42.81
C ASN F 202 -47.41 -32.05 42.33
N VAL F 203 -47.06 -31.01 43.10
CA VAL F 203 -45.94 -30.14 42.78
C VAL F 203 -44.92 -30.28 43.91
N ALA F 204 -43.73 -30.74 43.56
CA ALA F 204 -42.66 -30.98 44.53
C ALA F 204 -41.50 -30.05 44.25
N HIS F 205 -41.05 -29.37 45.30
CA HIS F 205 -39.89 -28.48 45.25
C HIS F 205 -38.88 -28.95 46.29
N PRO F 206 -37.70 -29.44 45.88
CA PRO F 206 -36.78 -30.06 46.83
C PRO F 206 -36.02 -29.08 47.71
N ALA F 207 -35.83 -27.85 47.22
CA ALA F 207 -35.06 -26.86 47.96
C ALA F 207 -35.71 -26.54 49.29
N SER F 208 -36.98 -26.14 49.27
CA SER F 208 -37.75 -25.94 50.49
C SER F 208 -38.42 -27.22 50.97
N SER F 209 -38.26 -28.32 50.23
CA SER F 209 -38.86 -29.61 50.57
C SER F 209 -40.37 -29.50 50.75
N THR F 210 -41.03 -28.89 49.77
CA THR F 210 -42.46 -28.62 49.83
C THR F 210 -43.19 -29.40 48.76
N LYS F 211 -44.22 -30.14 49.17
CA LYS F 211 -45.07 -30.90 48.26
C LYS F 211 -46.50 -30.38 48.40
N VAL F 212 -47.01 -29.79 47.32
CA VAL F 212 -48.35 -29.19 47.32
C VAL F 212 -49.24 -29.98 46.37
N ASP F 213 -50.42 -30.37 46.85
CA ASP F 213 -51.37 -31.12 46.05
C ASP F 213 -52.61 -30.26 45.82
N LYS F 214 -52.99 -30.12 44.55
CA LYS F 214 -54.14 -29.29 44.18
C LYS F 214 -55.08 -30.09 43.29
N LYS F 215 -56.29 -29.55 43.12
CA LYS F 215 -57.32 -30.18 42.31
C LYS F 215 -58.00 -29.12 41.44
N ILE F 216 -58.47 -29.56 40.27
CA ILE F 216 -59.05 -28.67 39.27
C ILE F 216 -60.51 -29.06 39.08
N VAL F 217 -61.42 -28.23 39.57
CA VAL F 217 -62.86 -28.46 39.42
C VAL F 217 -63.52 -27.13 39.05
N PRO F 218 -64.34 -27.08 37.99
CA PRO F 218 -64.99 -25.84 37.59
C PRO F 218 -66.32 -25.60 38.31
#